data_6VEQ
#
_entry.id   6VEQ
#
_cell.length_a   106.160
_cell.length_b   227.120
_cell.length_c   228.700
_cell.angle_alpha   90.00
_cell.angle_beta   90.00
_cell.angle_gamma   90.00
#
_symmetry.space_group_name_H-M   'I 2 2 2'
#
loop_
_entity.id
_entity.type
_entity.pdbx_description
1 polymer 'Con-Ins G1a A chain'
2 polymer 'Con-Ins G1 B chain'
3 polymer 'Insulin receptor subunit alpha'
4 polymer 'Insulin receptor'
5 polymer 'Fv 83-7 heavy chain'
6 polymer 'Fv 83-7 light chain'
7 branched alpha-D-mannopyranose-(1-3)-beta-D-mannopyranose-(1-4)-2-acetamido-2-deoxy-beta-D-glucopyranose-(1-4)-2-acetamido-2-deoxy-beta-D-glucopyranose
8 branched beta-D-mannopyranose-(1-4)-2-acetamido-2-deoxy-beta-D-glucopyranose-(1-4)-[alpha-L-fucopyranose-(1-6)]2-acetamido-2-deoxy-beta-D-glucopyranose
9 non-polymer 2-acetamido-2-deoxy-beta-D-glucopyranose
10 non-polymer 'SULFATE ION'
#
loop_
_entity_poly.entity_id
_entity_poly.type
_entity_poly.pdbx_seq_one_letter_code
_entity_poly.pdbx_strand_id
1 'polypeptide(L)' GVV(CGU)HCCHRPCSNAEFKKY(CY3) A,G
2 'polypeptide(L)' TFDT(HYP)KHRCGS(CGU)ITNSYMDLCYR B,H
3 'polypeptide(L)'
;HLYPGEVCPGMDIRNNLTRLHELENCSVIEGHLQILLMFKTRPEDFRDLSFPKLIMITDYLLLFRVYGLESLKDLFPNLT
VIRGSRLFFNYALVIFEMVHLKELGLYNLMNITRGSVRIEKNNELCYLATIDWSRILDSVEDNHIVLNKDDNEECGDICP
GTAKGKTNCPATVINGQFVERCWTHSHCQKVCPTICKSHGCTAEGLCCHSECLGNCSQPDDPTKCVACRNFYLDGRCVET
CPPPYYHFQDWRCVNFSFCQDLHHKCKNSRRQGCHQYVIHNNKCIPECPSGYTMNSSNLLCTPCLGPCPKSSSLVPR
;
E,K
4 'polypeptide(L)' TFEDYLHNVVFVPRPS F,L
5 'polypeptide(L)'
;QVQLKESGPGLVAPSQSLSITCTVSGFPLTAYGVNWVRQPPGKGLEWLGMIWGDGNTDYNSALKSRLSISKDNSKSQVFL
KMNSLQTDDTARYYCARDPYGSKPMDYWGQGTSVTVSSSLVPRGSSSEQKLISEEDLN
;
C,I
6 'polypeptide(L)'
;AGSDIVMSQSPSSLVVSVGEKVTMSCKSSQSLLYSSNQKNFLAWYQQKPGQSPKLLIYWASTRESGVPDRFTGSGSGTDF
TLTISSVKAEDLAVYYCQQYFRYRTFGGGTKLEIKSSDYKD
;
D,J
#
# COMPACT_ATOMS: atom_id res chain seq x y z
N GLY A 1 -0.99 4.21 -16.06
CA GLY A 1 -1.38 5.58 -16.38
C GLY A 1 -1.61 5.80 -17.86
N VAL A 2 -1.91 7.03 -18.25
CA VAL A 2 -2.15 7.35 -19.64
C VAL A 2 -0.85 7.56 -20.38
N VAL A 3 0.07 8.33 -19.79
CA VAL A 3 1.35 8.61 -20.42
C VAL A 3 2.24 7.38 -20.36
N HIS A 5 1.18 4.36 -21.04
CA HIS A 5 0.75 3.44 -22.10
C HIS A 5 0.80 4.09 -23.48
N CYS A 6 0.67 5.42 -23.54
CA CYS A 6 0.59 6.09 -24.84
C CYS A 6 1.70 7.10 -25.11
N CYS A 7 2.51 7.45 -24.12
CA CYS A 7 3.67 8.29 -24.38
C CYS A 7 4.97 7.52 -24.34
N HIS A 8 5.22 6.77 -23.26
CA HIS A 8 6.42 5.95 -23.19
C HIS A 8 6.38 4.81 -24.21
N ARG A 9 5.19 4.25 -24.45
CA ARG A 9 4.98 3.13 -25.33
C ARG A 9 4.09 3.51 -26.51
N PRO A 10 4.21 2.82 -27.63
CA PRO A 10 3.30 3.09 -28.76
C PRO A 10 1.85 2.85 -28.36
N CYS A 11 0.94 3.42 -29.16
CA CYS A 11 -0.45 3.52 -28.72
C CYS A 11 -1.33 3.80 -29.92
N SER A 12 -2.18 2.84 -30.27
CA SER A 12 -3.07 2.97 -31.41
C SER A 12 -4.27 3.85 -31.07
N ASN A 13 -5.05 4.16 -32.10
CA ASN A 13 -6.23 5.01 -31.90
C ASN A 13 -7.27 4.30 -31.04
N ALA A 14 -7.57 3.04 -31.36
CA ALA A 14 -8.55 2.29 -30.58
C ALA A 14 -8.05 2.04 -29.15
N GLU A 15 -6.73 1.88 -28.97
CA GLU A 15 -6.19 1.71 -27.63
C GLU A 15 -6.27 3.00 -26.83
N PHE A 16 -6.20 4.15 -27.49
CA PHE A 16 -6.27 5.43 -26.79
C PHE A 16 -7.70 5.77 -26.37
N LYS A 17 -8.69 5.35 -27.15
CA LYS A 17 -10.08 5.68 -26.86
C LYS A 17 -10.59 5.02 -25.58
N LYS A 18 -9.84 4.08 -25.01
CA LYS A 18 -10.27 3.44 -23.76
C LYS A 18 -10.25 4.40 -22.58
N TYR A 19 -9.46 5.46 -22.66
CA TYR A 19 -9.31 6.37 -21.53
C TYR A 19 -10.46 7.35 -21.36
N LYS B 6 0.92 4.61 -32.39
CA LYS B 6 1.39 5.98 -32.55
C LYS B 6 1.81 6.56 -31.21
N HIS B 7 2.81 7.45 -31.24
CA HIS B 7 3.33 8.08 -30.03
C HIS B 7 2.65 9.43 -29.81
N ARG B 8 2.09 9.62 -28.61
CA ARG B 8 1.47 10.89 -28.23
C ARG B 8 1.97 11.28 -26.84
N CYS B 9 2.60 12.45 -26.75
CA CYS B 9 3.15 12.93 -25.49
C CYS B 9 2.83 14.41 -25.32
N GLY B 10 2.59 14.80 -24.07
CA GLY B 10 2.40 16.22 -23.77
C GLY B 10 1.11 16.75 -24.35
N SER B 11 1.21 17.87 -25.07
CA SER B 11 0.06 18.52 -25.67
C SER B 11 -0.54 17.65 -26.77
N ILE B 13 -1.21 14.62 -26.53
CA ILE B 13 -2.22 13.78 -25.88
C ILE B 13 -3.54 14.56 -25.77
N THR B 14 -3.45 15.83 -25.35
CA THR B 14 -4.65 16.65 -25.26
C THR B 14 -5.30 16.83 -26.62
N ASN B 15 -4.49 17.02 -27.67
CA ASN B 15 -5.03 17.07 -29.02
C ASN B 15 -5.63 15.72 -29.43
N SER B 16 -5.03 14.63 -28.96
CA SER B 16 -5.56 13.29 -29.29
C SER B 16 -6.91 13.06 -28.62
N TYR B 17 -7.07 13.51 -27.38
CA TYR B 17 -8.37 13.40 -26.72
C TYR B 17 -9.41 14.26 -27.42
N MET B 18 -9.01 15.45 -27.89
CA MET B 18 -9.95 16.36 -28.53
C MET B 18 -10.43 15.81 -29.86
N ASP B 19 -9.54 15.18 -30.63
CA ASP B 19 -9.91 14.66 -31.94
C ASP B 19 -10.69 13.35 -31.83
N LEU B 20 -10.09 12.32 -31.23
CA LEU B 20 -10.71 11.01 -31.19
C LEU B 20 -11.94 11.00 -30.27
N CYS B 21 -11.83 11.60 -29.09
CA CYS B 21 -12.95 11.63 -28.15
C CYS B 21 -13.71 12.94 -28.24
N GLY C 5 -27.07 28.30 1.84
CA GLY C 5 -27.14 27.46 0.66
C GLY C 5 -27.13 25.97 0.96
N GLU C 6 -26.64 25.19 0.01
CA GLU C 6 -26.58 23.74 0.14
C GLU C 6 -25.13 23.27 -0.03
N VAL C 7 -24.87 22.06 0.47
CA VAL C 7 -23.53 21.45 0.41
C VAL C 7 -23.59 20.29 -0.57
N CYS C 8 -22.67 20.29 -1.53
CA CYS C 8 -22.64 19.29 -2.59
C CYS C 8 -21.30 18.56 -2.61
N PRO C 9 -21.27 17.30 -3.06
CA PRO C 9 -20.01 16.55 -3.07
C PRO C 9 -19.07 16.99 -4.17
N GLY C 10 -17.99 16.24 -4.38
CA GLY C 10 -17.03 16.60 -5.40
C GLY C 10 -17.61 16.54 -6.80
N MET C 11 -17.15 17.45 -7.65
CA MET C 11 -17.63 17.57 -9.02
C MET C 11 -16.50 17.33 -10.00
N ASP C 12 -16.86 16.90 -11.20
CA ASP C 12 -15.90 16.74 -12.30
C ASP C 12 -16.66 17.05 -13.59
N ILE C 13 -16.70 18.32 -13.94
CA ILE C 13 -17.50 18.82 -15.06
C ILE C 13 -16.59 18.96 -16.27
N ARG C 14 -17.01 18.40 -17.40
CA ARG C 14 -16.22 18.45 -18.62
C ARG C 14 -17.14 18.36 -19.83
N ASN C 15 -16.56 18.61 -21.00
CA ASN C 15 -17.23 18.51 -22.29
C ASN C 15 -18.39 19.49 -22.40
N ASN C 16 -19.55 19.10 -21.89
CA ASN C 16 -20.75 19.92 -21.99
C ASN C 16 -20.74 21.01 -20.92
N LEU C 17 -21.43 22.11 -21.20
CA LEU C 17 -21.63 23.16 -20.22
C LEU C 17 -22.90 22.96 -19.41
N THR C 18 -23.80 22.07 -19.86
CA THR C 18 -25.03 21.82 -19.12
C THR C 18 -24.73 21.14 -17.79
N ARG C 19 -23.63 20.39 -17.71
CA ARG C 19 -23.24 19.78 -16.44
C ARG C 19 -22.78 20.82 -15.44
N LEU C 20 -22.37 22.00 -15.90
CA LEU C 20 -21.90 23.05 -15.01
C LEU C 20 -23.04 23.63 -14.19
N HIS C 21 -24.28 23.55 -14.68
CA HIS C 21 -25.43 24.09 -13.95
C HIS C 21 -25.79 23.28 -12.73
N GLU C 22 -25.01 22.24 -12.39
CA GLU C 22 -25.24 21.47 -11.18
C GLU C 22 -24.78 22.19 -9.93
N LEU C 23 -24.19 23.38 -10.06
CA LEU C 23 -23.71 24.17 -8.94
C LEU C 23 -24.61 25.36 -8.64
N GLU C 24 -25.80 25.40 -9.23
CA GLU C 24 -26.67 26.57 -9.04
C GLU C 24 -27.14 26.69 -7.59
N ASN C 25 -27.50 25.57 -6.98
CA ASN C 25 -27.89 25.57 -5.57
C ASN C 25 -26.77 24.99 -4.71
N CYS C 26 -25.57 25.54 -4.82
CA CYS C 26 -24.43 25.02 -4.08
C CYS C 26 -23.61 26.15 -3.49
N SER C 27 -23.35 26.07 -2.19
CA SER C 27 -22.52 27.04 -1.47
C SER C 27 -21.19 26.47 -1.01
N VAL C 28 -21.17 25.21 -0.58
CA VAL C 28 -19.95 24.54 -0.13
C VAL C 28 -19.80 23.26 -0.91
N ILE C 29 -18.67 23.09 -1.59
CA ILE C 29 -18.37 21.88 -2.35
C ILE C 29 -17.51 21.00 -1.44
N GLU C 30 -18.15 20.02 -0.78
CA GLU C 30 -17.46 19.12 0.13
C GLU C 30 -16.67 18.12 -0.71
N GLY C 31 -15.54 18.58 -1.21
CA GLY C 31 -14.69 17.82 -2.10
C GLY C 31 -13.92 18.74 -3.00
N HIS C 32 -13.61 18.25 -4.20
CA HIS C 32 -12.89 19.03 -5.19
C HIS C 32 -13.83 19.44 -6.32
N LEU C 33 -13.33 20.33 -7.17
CA LEU C 33 -14.08 20.84 -8.32
C LEU C 33 -13.14 20.92 -9.51
N GLN C 34 -13.46 20.19 -10.58
CA GLN C 34 -12.63 20.14 -11.77
C GLN C 34 -13.49 20.53 -12.97
N ILE C 35 -13.19 21.68 -13.56
CA ILE C 35 -13.83 22.13 -14.80
C ILE C 35 -12.76 22.10 -15.88
N LEU C 36 -12.96 21.25 -16.87
CA LEU C 36 -11.87 20.98 -17.81
C LEU C 36 -12.44 20.46 -19.13
N LEU C 37 -11.61 20.54 -20.17
CA LEU C 37 -11.88 19.93 -21.47
C LEU C 37 -13.22 20.39 -22.04
N MET C 38 -13.22 21.65 -22.48
CA MET C 38 -14.37 22.24 -23.18
C MET C 38 -13.81 23.01 -24.37
N PHE C 39 -13.74 22.35 -25.52
CA PHE C 39 -13.02 22.88 -26.67
C PHE C 39 -13.90 23.72 -27.60
N LYS C 40 -15.23 23.53 -27.56
CA LYS C 40 -16.11 24.22 -28.48
C LYS C 40 -16.89 25.35 -27.82
N THR C 41 -16.58 25.67 -26.57
CA THR C 41 -17.26 26.76 -25.89
C THR C 41 -16.69 28.10 -26.34
N ARG C 42 -17.52 29.14 -26.21
CA ARG C 42 -17.18 30.50 -26.63
C ARG C 42 -17.40 31.43 -25.45
N PRO C 43 -16.80 32.63 -25.48
CA PRO C 43 -17.07 33.60 -24.40
C PRO C 43 -18.51 34.04 -24.32
N GLU C 44 -19.31 33.82 -25.38
CA GLU C 44 -20.72 34.16 -25.34
C GLU C 44 -21.49 33.30 -24.35
N ASP C 45 -20.97 32.12 -24.00
CA ASP C 45 -21.65 31.22 -23.08
C ASP C 45 -21.29 31.48 -21.62
N PHE C 46 -20.35 32.38 -21.36
CA PHE C 46 -19.90 32.66 -20.00
C PHE C 46 -20.27 34.06 -19.52
N ARG C 47 -20.76 34.93 -20.39
CA ARG C 47 -21.10 36.29 -19.97
C ARG C 47 -22.31 36.31 -19.05
N ASP C 48 -23.31 35.47 -19.34
CA ASP C 48 -24.52 35.41 -18.53
C ASP C 48 -24.47 34.33 -17.47
N LEU C 49 -23.44 33.49 -17.46
CA LEU C 49 -23.34 32.39 -16.50
C LEU C 49 -22.62 32.84 -15.25
N SER C 50 -23.19 32.52 -14.09
CA SER C 50 -22.64 32.93 -12.81
C SER C 50 -23.10 31.96 -11.73
N PHE C 51 -22.23 31.76 -10.74
CA PHE C 51 -22.52 30.92 -9.57
C PHE C 51 -22.11 31.68 -8.32
N PRO C 52 -22.91 32.66 -7.91
CA PRO C 52 -22.53 33.49 -6.75
C PRO C 52 -22.72 32.80 -5.41
N LYS C 53 -23.42 31.67 -5.36
CA LYS C 53 -23.67 31.02 -4.07
C LYS C 53 -22.43 30.28 -3.57
N LEU C 54 -21.55 29.84 -4.45
CA LEU C 54 -20.36 29.09 -4.04
C LEU C 54 -19.44 29.96 -3.20
N ILE C 55 -19.01 29.42 -2.06
CA ILE C 55 -18.19 30.17 -1.10
C ILE C 55 -16.91 29.42 -0.79
N MET C 56 -17.03 28.14 -0.46
CA MET C 56 -15.90 27.36 0.04
C MET C 56 -15.77 26.05 -0.72
N ILE C 57 -14.53 25.61 -0.91
CA ILE C 57 -14.21 24.32 -1.50
C ILE C 57 -13.30 23.58 -0.53
N THR C 58 -13.67 22.34 -0.20
CA THR C 58 -12.93 21.59 0.80
C THR C 58 -11.57 21.14 0.26
N ASP C 59 -11.56 20.55 -0.93
CA ASP C 59 -10.31 20.04 -1.49
C ASP C 59 -9.63 21.08 -2.37
N TYR C 60 -9.54 20.83 -3.67
CA TYR C 60 -8.81 21.69 -4.58
C TYR C 60 -9.73 22.16 -5.71
N LEU C 61 -9.20 23.03 -6.56
CA LEU C 61 -9.89 23.58 -7.72
C LEU C 61 -8.99 23.43 -8.94
N LEU C 62 -9.57 22.94 -10.04
CA LEU C 62 -8.80 22.63 -11.25
C LEU C 62 -9.49 23.22 -12.47
N LEU C 63 -8.76 24.05 -13.21
CA LEU C 63 -9.20 24.60 -14.49
C LEU C 63 -8.18 24.20 -15.54
N PHE C 64 -8.63 23.51 -16.59
CA PHE C 64 -7.72 22.97 -17.59
C PHE C 64 -8.44 22.90 -18.94
N ARG C 65 -7.98 23.71 -19.90
CA ARG C 65 -8.49 23.66 -21.27
C ARG C 65 -9.98 23.95 -21.33
N VAL C 66 -10.38 25.09 -20.75
CA VAL C 66 -11.75 25.57 -20.81
C VAL C 66 -11.75 26.77 -21.75
N TYR C 67 -12.08 26.51 -23.01
CA TYR C 67 -12.02 27.56 -24.03
C TYR C 67 -13.19 28.53 -23.86
N GLY C 68 -12.93 29.79 -24.21
CA GLY C 68 -13.91 30.84 -24.12
C GLY C 68 -13.96 31.54 -22.77
N LEU C 69 -13.55 30.86 -21.70
CA LEU C 69 -13.58 31.45 -20.36
C LEU C 69 -12.47 32.47 -20.23
N GLU C 70 -12.85 33.75 -20.12
CA GLU C 70 -11.87 34.84 -20.07
C GLU C 70 -11.58 35.33 -18.66
N SER C 71 -12.47 35.08 -17.70
CA SER C 71 -12.25 35.52 -16.33
C SER C 71 -13.14 34.69 -15.42
N LEU C 72 -12.70 34.59 -14.16
CA LEU C 72 -13.47 33.87 -13.14
C LEU C 72 -14.18 34.81 -12.18
N LYS C 73 -14.11 36.12 -12.40
CA LYS C 73 -14.77 37.06 -11.50
C LYS C 73 -16.29 36.94 -11.59
N ASP C 74 -16.81 36.51 -12.74
CA ASP C 74 -18.24 36.31 -12.92
C ASP C 74 -18.66 34.88 -12.64
N LEU C 75 -17.75 33.92 -12.75
CA LEU C 75 -18.11 32.52 -12.54
C LEU C 75 -18.17 32.19 -11.05
N PHE C 76 -17.16 32.59 -10.28
CA PHE C 76 -17.11 32.37 -8.84
C PHE C 76 -16.82 33.69 -8.15
N PRO C 77 -17.82 34.57 -8.05
CA PRO C 77 -17.58 35.89 -7.46
C PRO C 77 -17.48 35.88 -5.94
N ASN C 78 -17.95 34.82 -5.28
CA ASN C 78 -17.98 34.78 -3.82
C ASN C 78 -17.13 33.65 -3.26
N LEU C 79 -16.25 33.08 -4.07
CA LEU C 79 -15.33 32.05 -3.57
C LEU C 79 -14.34 32.70 -2.61
N THR C 80 -14.31 32.19 -1.37
CA THR C 80 -13.50 32.80 -0.32
C THR C 80 -12.40 31.90 0.18
N VAL C 81 -12.70 30.66 0.53
CA VAL C 81 -11.74 29.77 1.17
C VAL C 81 -11.63 28.48 0.39
N ILE C 82 -10.40 28.02 0.17
CA ILE C 82 -10.11 26.71 -0.39
C ILE C 82 -9.31 25.97 0.68
N ARG C 83 -9.98 25.10 1.44
CA ARG C 83 -9.34 24.51 2.61
C ARG C 83 -8.18 23.60 2.22
N GLY C 84 -8.25 22.95 1.07
CA GLY C 84 -7.18 22.06 0.64
C GLY C 84 -7.00 20.85 1.53
N SER C 85 -8.10 20.23 1.97
CA SER C 85 -7.99 19.01 2.77
C SER C 85 -7.33 17.91 1.97
N ARG C 86 -7.65 17.80 0.69
CA ARG C 86 -6.98 16.89 -0.24
C ARG C 86 -6.54 17.69 -1.45
N LEU C 87 -5.28 17.55 -1.82
CA LEU C 87 -4.66 18.40 -2.83
C LEU C 87 -4.47 17.68 -4.15
N PHE C 88 -4.28 18.47 -5.20
CA PHE C 88 -3.99 17.96 -6.54
C PHE C 88 -2.48 18.09 -6.75
N PHE C 89 -1.75 17.08 -6.27
CA PHE C 89 -0.28 17.08 -6.29
C PHE C 89 0.26 18.32 -5.56
N ASN C 90 -0.08 18.40 -4.28
CA ASN C 90 0.36 19.49 -3.40
C ASN C 90 -0.09 20.85 -3.91
N TYR C 91 -1.21 20.88 -4.63
CA TYR C 91 -1.76 22.12 -5.19
C TYR C 91 -3.25 22.17 -4.88
N ALA C 92 -3.68 23.26 -4.25
CA ALA C 92 -5.09 23.49 -3.99
C ALA C 92 -5.77 24.27 -5.12
N LEU C 93 -4.99 24.79 -6.06
CA LEU C 93 -5.53 25.54 -7.20
C LEU C 93 -4.61 25.33 -8.38
N VAL C 94 -5.14 24.80 -9.48
CA VAL C 94 -4.35 24.51 -10.67
C VAL C 94 -5.04 25.18 -11.86
N ILE C 95 -4.35 26.15 -12.46
CA ILE C 95 -4.81 26.80 -13.68
C ILE C 95 -3.85 26.44 -14.80
N PHE C 96 -4.11 25.34 -15.50
CA PHE C 96 -3.19 24.79 -16.48
C PHE C 96 -3.81 24.86 -17.86
N GLU C 97 -3.10 25.51 -18.80
CA GLU C 97 -3.51 25.60 -20.20
C GLU C 97 -4.93 26.16 -20.34
N MET C 98 -5.24 27.16 -19.51
CA MET C 98 -6.53 27.86 -19.59
C MET C 98 -6.38 29.01 -20.59
N VAL C 99 -6.49 28.66 -21.88
CA VAL C 99 -6.40 29.68 -22.91
C VAL C 99 -7.60 30.62 -22.83
N HIS C 100 -7.47 31.77 -23.50
CA HIS C 100 -8.50 32.81 -23.56
C HIS C 100 -8.71 33.48 -22.20
N LEU C 101 -8.21 32.86 -21.12
CA LEU C 101 -8.36 33.42 -19.79
C LEU C 101 -7.52 34.69 -19.65
N LYS C 102 -8.18 35.82 -19.43
CA LYS C 102 -7.49 37.10 -19.33
C LYS C 102 -7.04 37.43 -17.91
N GLU C 103 -7.76 36.95 -16.90
CA GLU C 103 -7.46 37.29 -15.51
C GLU C 103 -8.08 36.23 -14.61
N LEU C 104 -7.69 36.28 -13.33
CA LEU C 104 -8.28 35.39 -12.34
C LEU C 104 -9.58 35.98 -11.80
N GLY C 105 -9.53 37.19 -11.25
CA GLY C 105 -10.72 37.88 -10.82
C GLY C 105 -11.38 37.33 -9.57
N LEU C 106 -10.71 36.43 -8.84
CA LEU C 106 -11.27 35.89 -7.59
C LEU C 106 -11.01 36.90 -6.47
N TYR C 107 -11.72 38.03 -6.56
CA TYR C 107 -11.49 39.14 -5.63
C TYR C 107 -12.03 38.87 -4.24
N ASN C 108 -12.58 37.68 -3.98
CA ASN C 108 -13.00 37.30 -2.65
C ASN C 108 -12.18 36.18 -2.05
N LEU C 109 -11.27 35.57 -2.83
CA LEU C 109 -10.41 34.50 -2.33
C LEU C 109 -9.46 35.08 -1.29
N MET C 110 -9.71 34.76 -0.01
CA MET C 110 -8.98 35.37 1.08
C MET C 110 -7.96 34.45 1.74
N ASN C 111 -8.12 33.13 1.62
CA ASN C 111 -7.29 32.23 2.40
C ASN C 111 -7.35 30.83 1.77
N ILE C 112 -6.20 30.28 1.45
CA ILE C 112 -6.06 28.88 1.04
C ILE C 112 -5.40 28.16 2.21
N THR C 113 -6.20 27.38 2.96
CA THR C 113 -5.74 26.84 4.22
C THR C 113 -4.58 25.86 4.05
N ARG C 114 -4.56 25.13 2.93
CA ARG C 114 -3.54 24.11 2.73
C ARG C 114 -3.25 23.98 1.24
N GLY C 115 -2.00 23.75 0.90
CA GLY C 115 -1.58 23.57 -0.48
C GLY C 115 -1.00 24.84 -1.07
N SER C 116 -0.65 24.73 -2.36
CA SER C 116 -0.05 25.83 -3.09
C SER C 116 -0.82 26.10 -4.38
N VAL C 117 -0.30 27.00 -5.21
CA VAL C 117 -0.96 27.42 -6.45
C VAL C 117 -0.05 27.09 -7.63
N ARG C 118 -0.63 26.49 -8.67
CA ARG C 118 0.06 26.14 -9.90
C ARG C 118 -0.66 26.78 -11.07
N ILE C 119 -0.02 27.77 -11.69
CA ILE C 119 -0.59 28.47 -12.84
C ILE C 119 0.46 28.43 -13.94
N GLU C 120 0.25 27.58 -14.95
CA GLU C 120 1.27 27.31 -15.94
C GLU C 120 0.65 27.23 -17.34
N LYS C 121 1.37 27.77 -18.32
CA LYS C 121 1.01 27.66 -19.73
C LYS C 121 -0.38 28.24 -20.02
N ASN C 122 -0.69 29.36 -19.38
CA ASN C 122 -1.96 30.05 -19.57
C ASN C 122 -1.67 31.33 -20.35
N ASN C 123 -1.80 31.24 -21.67
CA ASN C 123 -1.62 32.42 -22.50
C ASN C 123 -2.75 33.42 -22.27
N GLU C 124 -2.51 34.66 -22.70
CA GLU C 124 -3.46 35.76 -22.58
C GLU C 124 -3.82 36.07 -21.12
N LEU C 125 -3.09 35.52 -20.15
CA LEU C 125 -3.41 35.66 -18.74
C LEU C 125 -2.52 36.72 -18.12
N CYS C 126 -3.10 37.84 -17.72
CA CYS C 126 -2.41 38.90 -16.99
C CYS C 126 -2.97 38.99 -15.58
N TYR C 127 -2.64 40.09 -14.89
CA TYR C 127 -3.07 40.33 -13.52
C TYR C 127 -2.64 39.19 -12.59
N LEU C 128 -1.37 38.80 -12.72
CA LEU C 128 -0.77 37.79 -11.86
C LEU C 128 0.25 38.36 -10.89
N ALA C 129 1.13 39.25 -11.37
CA ALA C 129 2.10 39.89 -10.47
C ALA C 129 1.43 40.84 -9.49
N THR C 130 0.21 41.27 -9.78
CA THR C 130 -0.55 42.12 -8.87
C THR C 130 -1.30 41.31 -7.81
N ILE C 131 -0.85 40.10 -7.52
CA ILE C 131 -1.47 39.24 -6.51
C ILE C 131 -0.39 38.83 -5.52
N ASP C 132 -0.59 39.15 -4.25
CA ASP C 132 0.33 38.74 -3.20
C ASP C 132 -0.24 37.46 -2.57
N TRP C 133 0.23 36.31 -3.07
CA TRP C 133 -0.26 35.03 -2.56
C TRP C 133 0.16 34.79 -1.11
N SER C 134 1.15 35.52 -0.62
CA SER C 134 1.56 35.37 0.78
C SER C 134 0.47 35.80 1.74
N ARG C 135 -0.46 36.66 1.31
CA ARG C 135 -1.62 37.00 2.09
C ARG C 135 -2.75 35.98 1.96
N ILE C 136 -2.56 34.96 1.10
CA ILE C 136 -3.54 33.91 0.89
C ILE C 136 -3.00 32.55 1.28
N LEU C 137 -1.73 32.29 1.00
CA LEU C 137 -1.09 31.03 1.31
C LEU C 137 -0.03 31.24 2.38
N ASP C 138 0.22 30.19 3.16
CA ASP C 138 1.33 30.22 4.11
C ASP C 138 2.62 29.70 3.52
N SER C 139 2.54 28.86 2.49
CA SER C 139 3.73 28.29 1.84
C SER C 139 3.73 28.75 0.38
N VAL C 140 4.20 29.98 0.15
CA VAL C 140 4.29 30.49 -1.21
C VAL C 140 5.58 30.09 -1.91
N GLU C 141 6.53 29.49 -1.19
CA GLU C 141 7.74 29.01 -1.85
C GLU C 141 7.44 27.82 -2.75
N ASP C 142 6.42 27.04 -2.39
CA ASP C 142 6.02 25.87 -3.17
C ASP C 142 5.08 26.24 -4.32
N ASN C 143 4.85 27.52 -4.57
CA ASN C 143 4.05 27.93 -5.71
C ASN C 143 4.82 27.70 -7.01
N HIS C 144 4.09 27.78 -8.12
CA HIS C 144 4.69 27.57 -9.44
C HIS C 144 3.89 28.29 -10.51
N ILE C 145 4.05 29.61 -10.61
CA ILE C 145 3.32 30.42 -11.58
C ILE C 145 4.28 30.87 -12.68
N VAL C 146 4.40 30.07 -13.73
CA VAL C 146 5.34 30.33 -14.82
C VAL C 146 4.63 30.13 -16.16
N LEU C 147 5.34 30.51 -17.23
CA LEU C 147 4.92 30.26 -18.61
C LEU C 147 3.57 30.90 -18.94
N ASN C 148 3.26 32.03 -18.31
CA ASN C 148 2.04 32.78 -18.57
C ASN C 148 2.37 34.04 -19.35
N LYS C 149 1.32 34.79 -19.70
CA LYS C 149 1.54 36.07 -20.37
C LYS C 149 2.21 37.08 -19.46
N ASP C 150 1.99 36.96 -18.14
CA ASP C 150 2.63 37.86 -17.20
C ASP C 150 4.14 37.64 -17.13
N ASP C 151 4.63 36.49 -17.57
CA ASP C 151 6.06 36.22 -17.58
C ASP C 151 6.81 37.08 -18.57
N ASN C 152 6.14 37.57 -19.61
CA ASN C 152 6.76 38.43 -20.60
C ASN C 152 6.93 39.86 -20.13
N GLU C 153 6.55 40.15 -18.87
CA GLU C 153 6.77 41.44 -18.23
C GLU C 153 5.95 42.56 -18.86
N GLU C 154 5.28 42.27 -19.97
CA GLU C 154 4.50 43.27 -20.69
C GLU C 154 3.02 42.90 -20.61
N CYS C 155 2.44 43.14 -19.44
CA CYS C 155 1.01 42.98 -19.20
C CYS C 155 0.42 44.33 -18.84
N GLY C 156 -0.83 44.54 -19.26
CA GLY C 156 -1.51 45.78 -18.94
C GLY C 156 -2.13 45.76 -17.56
N ASP C 157 -1.32 45.51 -16.54
CA ASP C 157 -1.82 45.44 -15.17
C ASP C 157 -1.96 46.84 -14.60
N ILE C 158 -3.21 47.26 -14.38
CA ILE C 158 -3.52 48.57 -13.81
C ILE C 158 -4.58 48.38 -12.74
N CYS C 159 -4.39 49.00 -11.58
CA CYS C 159 -5.31 48.87 -10.47
C CYS C 159 -6.22 50.09 -10.36
N ASN C 168 -5.35 53.42 -4.48
CA ASN C 168 -6.31 52.99 -3.48
C ASN C 168 -6.05 51.55 -3.04
N CYS C 169 -5.64 50.72 -3.99
CA CYS C 169 -5.33 49.33 -3.67
C CYS C 169 -4.08 49.27 -2.78
N PRO C 170 -4.02 48.30 -1.87
CA PRO C 170 -2.83 48.18 -1.01
C PRO C 170 -1.62 47.71 -1.81
N ALA C 171 -0.44 48.06 -1.31
CA ALA C 171 0.82 47.73 -1.95
C ALA C 171 1.71 46.96 -0.99
N THR C 172 2.22 45.82 -1.45
CA THR C 172 3.11 44.97 -0.67
C THR C 172 4.38 44.71 -1.48
N VAL C 173 5.29 43.93 -0.88
CA VAL C 173 6.56 43.58 -1.50
C VAL C 173 6.58 42.09 -1.76
N ILE C 174 6.87 41.70 -3.00
CA ILE C 174 7.03 40.29 -3.33
C ILE C 174 8.51 39.92 -3.32
N ASN C 175 9.26 40.44 -4.28
CA ASN C 175 10.70 40.22 -4.35
C ASN C 175 11.45 41.48 -3.91
N GLY C 176 11.48 42.51 -4.75
CA GLY C 176 12.14 43.75 -4.42
C GLY C 176 11.43 44.94 -5.03
N GLN C 177 10.12 44.84 -5.21
CA GLN C 177 9.34 45.90 -5.84
C GLN C 177 8.12 46.20 -4.99
N PHE C 178 7.78 47.49 -4.88
CA PHE C 178 6.62 47.96 -4.13
C PHE C 178 5.49 48.14 -5.15
N VAL C 179 4.72 47.08 -5.35
CA VAL C 179 3.65 47.08 -6.35
C VAL C 179 2.30 47.02 -5.64
N GLU C 180 1.32 47.73 -6.18
CA GLU C 180 -0.03 47.63 -5.66
C GLU C 180 -0.64 46.30 -6.08
N ARG C 181 -1.47 45.74 -5.20
CA ARG C 181 -2.06 44.42 -5.41
C ARG C 181 -3.53 44.56 -5.73
N CYS C 182 -3.94 44.01 -6.87
CA CYS C 182 -5.32 44.04 -7.31
C CYS C 182 -5.60 42.85 -8.22
N TRP C 183 -6.81 42.30 -8.11
CA TRP C 183 -7.18 41.14 -8.93
C TRP C 183 -7.51 41.56 -10.37
N THR C 184 -8.40 42.53 -10.54
CA THR C 184 -8.77 43.04 -11.85
C THR C 184 -8.47 44.54 -11.90
N HIS C 185 -8.96 45.19 -12.95
CA HIS C 185 -8.81 46.63 -13.08
C HIS C 185 -9.73 47.40 -12.14
N SER C 186 -10.72 46.73 -11.54
CA SER C 186 -11.66 47.38 -10.64
C SER C 186 -11.89 46.56 -9.38
N HIS C 187 -10.89 45.75 -9.00
CA HIS C 187 -11.00 44.93 -7.79
C HIS C 187 -9.62 44.84 -7.16
N CYS C 188 -9.44 45.51 -6.02
CA CYS C 188 -8.19 45.39 -5.27
C CYS C 188 -8.13 44.04 -4.57
N GLN C 189 -6.95 43.74 -4.02
CA GLN C 189 -6.78 42.59 -3.16
C GLN C 189 -7.05 43.04 -1.73
N LYS C 190 -8.12 42.52 -1.13
CA LYS C 190 -8.50 42.93 0.21
C LYS C 190 -7.48 42.46 1.24
N VAL C 191 -6.84 43.40 1.91
CA VAL C 191 -5.85 43.11 2.94
C VAL C 191 -6.37 43.66 4.26
N CYS C 192 -6.57 42.78 5.23
CA CYS C 192 -7.09 43.11 6.54
C CYS C 192 -5.97 43.56 7.48
N PRO C 193 -6.32 44.29 8.54
CA PRO C 193 -5.31 44.70 9.51
C PRO C 193 -4.57 43.52 10.12
N THR C 194 -3.37 43.82 10.63
CA THR C 194 -2.54 42.77 11.21
C THR C 194 -3.20 42.11 12.41
N ILE C 195 -3.99 42.86 13.17
CA ILE C 195 -4.66 42.32 14.35
C ILE C 195 -5.75 41.32 13.97
N CYS C 196 -6.32 41.41 12.78
CA CYS C 196 -7.40 40.51 12.39
C CYS C 196 -6.89 39.10 12.09
N LYS C 197 -5.60 38.94 11.83
CA LYS C 197 -5.00 37.64 11.48
C LYS C 197 -5.73 37.14 10.23
N SER C 198 -6.09 35.86 10.17
CA SER C 198 -6.83 35.30 9.05
C SER C 198 -8.34 35.30 9.27
N HIS C 199 -8.81 35.90 10.37
CA HIS C 199 -10.24 35.90 10.67
C HIS C 199 -11.04 36.72 9.69
N GLY C 200 -10.40 37.63 8.96
CA GLY C 200 -11.11 38.50 8.05
C GLY C 200 -11.62 39.76 8.72
N CYS C 201 -11.91 40.76 7.89
CA CYS C 201 -12.36 42.07 8.36
C CYS C 201 -13.47 42.56 7.46
N THR C 202 -14.12 43.64 7.88
CA THR C 202 -15.13 44.29 7.07
C THR C 202 -14.47 45.36 6.21
N ALA C 203 -15.30 46.09 5.43
CA ALA C 203 -14.76 47.15 4.58
C ALA C 203 -14.15 48.28 5.39
N GLU C 204 -14.69 48.53 6.60
CA GLU C 204 -14.16 49.59 7.45
C GLU C 204 -12.89 49.17 8.19
N GLY C 205 -12.64 47.87 8.32
CA GLY C 205 -11.47 47.38 9.01
C GLY C 205 -11.72 46.68 10.33
N LEU C 206 -12.98 46.45 10.71
CA LEU C 206 -13.28 45.76 11.95
C LEU C 206 -13.07 44.27 11.77
N CYS C 207 -12.30 43.66 12.67
CA CYS C 207 -12.00 42.24 12.56
C CYS C 207 -13.24 41.39 12.80
N CYS C 208 -13.36 40.30 12.05
CA CYS C 208 -14.42 39.34 12.28
C CYS C 208 -14.17 38.60 13.59
N HIS C 209 -15.10 37.71 13.94
CA HIS C 209 -14.93 36.90 15.14
C HIS C 209 -13.73 35.98 15.00
N SER C 210 -13.16 35.60 16.15
CA SER C 210 -11.96 34.77 16.16
C SER C 210 -12.18 33.39 15.56
N GLU C 211 -13.43 33.03 15.27
CA GLU C 211 -13.73 31.74 14.65
C GLU C 211 -14.02 31.85 13.16
N CYS C 212 -14.14 33.06 12.63
CA CYS C 212 -14.37 33.25 11.20
C CYS C 212 -13.11 32.92 10.40
N LEU C 213 -13.22 33.03 9.08
CA LEU C 213 -12.09 32.75 8.20
C LEU C 213 -12.33 33.45 6.88
N GLY C 214 -11.58 34.54 6.64
CA GLY C 214 -11.64 35.22 5.36
C GLY C 214 -12.49 36.47 5.33
N ASN C 215 -13.79 36.32 5.59
CA ASN C 215 -14.72 37.45 5.50
C ASN C 215 -15.91 37.16 6.40
N CYS C 216 -16.68 38.20 6.67
CA CYS C 216 -17.90 38.08 7.45
C CYS C 216 -18.80 39.27 7.13
N SER C 217 -20.07 39.17 7.53
CA SER C 217 -21.03 40.24 7.33
C SER C 217 -21.14 41.18 8.51
N GLN C 218 -20.79 40.72 9.72
CA GLN C 218 -20.78 41.56 10.91
C GLN C 218 -19.59 41.14 11.78
N PRO C 219 -18.87 42.09 12.35
CA PRO C 219 -17.70 41.75 13.15
C PRO C 219 -18.08 41.25 14.54
N ASP C 220 -17.14 40.51 15.14
CA ASP C 220 -17.28 39.98 16.49
C ASP C 220 -18.56 39.15 16.64
N ASP C 221 -18.79 38.28 15.67
CA ASP C 221 -19.96 37.41 15.68
C ASP C 221 -19.63 36.11 14.96
N PRO C 222 -19.54 34.99 15.69
CA PRO C 222 -19.24 33.71 15.05
C PRO C 222 -20.38 33.17 14.19
N THR C 223 -21.59 33.73 14.30
CA THR C 223 -22.71 33.31 13.48
C THR C 223 -22.78 34.07 12.17
N LYS C 224 -21.94 35.08 11.97
CA LYS C 224 -21.93 35.87 10.75
C LYS C 224 -20.71 35.59 9.87
N CYS C 225 -19.99 34.50 10.13
CA CYS C 225 -18.82 34.19 9.32
C CYS C 225 -19.23 33.69 7.93
N VAL C 226 -18.41 34.04 6.95
CA VAL C 226 -18.57 33.47 5.61
C VAL C 226 -18.04 32.06 5.56
N ALA C 227 -16.94 31.80 6.28
CA ALA C 227 -16.37 30.47 6.42
C ALA C 227 -15.92 30.28 7.87
N CYS C 228 -15.73 29.03 8.25
CA CYS C 228 -15.34 28.71 9.62
C CYS C 228 -13.86 28.37 9.69
N ARG C 229 -13.19 28.93 10.71
CA ARG C 229 -11.78 28.63 10.93
C ARG C 229 -11.57 27.18 11.33
N ASN C 230 -12.52 26.60 12.06
CA ASN C 230 -12.40 25.21 12.50
C ASN C 230 -13.55 24.37 11.97
N PHE C 231 -14.72 24.47 12.61
CA PHE C 231 -15.85 23.63 12.25
C PHE C 231 -17.13 24.44 12.26
N TYR C 232 -18.10 23.96 11.49
CA TYR C 232 -19.40 24.60 11.32
C TYR C 232 -20.46 23.75 11.99
N LEU C 233 -21.32 24.40 12.80
CA LEU C 233 -22.37 23.68 13.52
C LEU C 233 -23.53 24.63 13.78
N ASP C 234 -24.73 24.22 13.36
CA ASP C 234 -25.96 24.94 13.64
C ASP C 234 -25.89 26.40 13.17
N GLY C 235 -25.21 26.63 12.06
CA GLY C 235 -25.08 27.98 11.55
C GLY C 235 -24.12 28.85 12.31
N ARG C 236 -23.19 28.25 13.05
CA ARG C 236 -22.23 28.98 13.86
C ARG C 236 -20.88 28.29 13.77
N CYS C 237 -19.81 29.08 13.74
CA CYS C 237 -18.46 28.54 13.70
C CYS C 237 -18.01 28.17 15.11
N VAL C 238 -17.58 26.93 15.28
CA VAL C 238 -17.15 26.42 16.58
C VAL C 238 -15.71 25.94 16.45
N GLU C 239 -15.03 25.82 17.59
CA GLU C 239 -13.65 25.35 17.57
C GLU C 239 -13.57 23.83 17.55
N THR C 240 -14.53 23.14 18.15
CA THR C 240 -14.56 21.69 18.14
C THR C 240 -16.02 21.24 18.19
N CYS C 241 -16.28 20.05 17.63
CA CYS C 241 -17.61 19.46 17.68
C CYS C 241 -17.81 18.80 19.04
N PRO C 242 -18.67 19.35 19.88
CA PRO C 242 -18.87 18.79 21.22
C PRO C 242 -19.75 17.54 21.15
N PRO C 243 -19.70 16.69 22.17
CA PRO C 243 -20.62 15.56 22.20
C PRO C 243 -22.05 16.06 22.25
N PRO C 244 -23.00 15.31 21.65
CA PRO C 244 -22.76 14.03 20.98
C PRO C 244 -22.57 14.14 19.47
N TYR C 245 -21.90 15.20 19.02
CA TYR C 245 -21.65 15.40 17.60
C TYR C 245 -20.29 14.85 17.21
N TYR C 246 -20.06 14.77 15.89
CA TYR C 246 -18.85 14.18 15.34
C TYR C 246 -18.26 15.09 14.28
N HIS C 247 -16.94 15.06 14.15
CA HIS C 247 -16.25 15.86 13.15
C HIS C 247 -16.27 15.13 11.81
N PHE C 248 -16.93 15.72 10.83
CA PHE C 248 -17.06 15.13 9.50
C PHE C 248 -16.31 15.97 8.49
N GLN C 249 -15.45 15.32 7.70
CA GLN C 249 -14.64 15.95 6.66
C GLN C 249 -13.77 17.09 7.19
N ASP C 250 -13.58 17.13 8.51
CA ASP C 250 -12.71 18.10 9.17
C ASP C 250 -13.11 19.53 8.83
N TRP C 251 -14.41 19.81 8.86
CA TRP C 251 -14.88 21.18 8.61
C TRP C 251 -16.28 21.42 9.17
N ARG C 252 -17.05 20.38 9.44
CA ARG C 252 -18.39 20.56 9.98
C ARG C 252 -18.73 19.43 10.94
N CYS C 253 -19.76 19.68 11.74
CA CYS C 253 -20.21 18.73 12.75
C CYS C 253 -21.49 18.04 12.29
N VAL C 254 -21.60 16.75 12.60
CA VAL C 254 -22.77 15.94 12.25
C VAL C 254 -23.14 15.10 13.47
N ASN C 255 -24.37 14.58 13.44
CA ASN C 255 -24.85 13.69 14.49
C ASN C 255 -24.68 12.24 14.05
N PHE C 256 -25.03 11.32 14.96
CA PHE C 256 -24.89 9.89 14.65
C PHE C 256 -25.84 9.46 13.55
N SER C 257 -27.01 10.11 13.45
CA SER C 257 -27.97 9.75 12.41
C SER C 257 -27.41 10.03 11.02
N PHE C 258 -26.68 11.13 10.87
CA PHE C 258 -26.09 11.45 9.58
C PHE C 258 -25.02 10.43 9.20
N CYS C 259 -24.09 10.15 10.12
CA CYS C 259 -23.02 9.20 9.86
C CYS C 259 -23.54 7.79 9.64
N GLN C 260 -24.75 7.49 10.13
CA GLN C 260 -25.31 6.16 9.95
C GLN C 260 -25.89 5.98 8.54
N ASP C 261 -26.51 7.04 8.00
CA ASP C 261 -27.08 6.93 6.66
C ASP C 261 -26.00 6.76 5.61
N LEU C 262 -24.86 7.44 5.79
CA LEU C 262 -23.76 7.28 4.83
C LEU C 262 -23.19 5.88 4.84
N HIS C 263 -23.25 5.19 5.98
CA HIS C 263 -22.69 3.85 6.06
C HIS C 263 -23.54 2.85 5.29
N HIS C 264 -24.86 3.00 5.33
CA HIS C 264 -25.76 2.08 4.64
C HIS C 264 -25.73 2.28 3.14
N LYS C 265 -24.57 2.06 2.52
CA LYS C 265 -24.39 2.16 1.08
C LYS C 265 -24.85 3.50 0.52
N GLN C 276 -19.58 3.54 3.45
CA GLN C 276 -19.50 2.65 4.60
C GLN C 276 -18.69 3.28 5.74
N TYR C 277 -19.13 4.46 6.18
CA TYR C 277 -18.38 5.24 7.15
C TYR C 277 -18.47 4.61 8.54
N VAL C 278 -17.56 5.03 9.41
CA VAL C 278 -17.45 4.50 10.77
C VAL C 278 -17.21 5.66 11.73
N ILE C 279 -17.16 5.34 13.02
CA ILE C 279 -16.94 6.32 14.07
C ILE C 279 -15.62 5.99 14.77
N HIS C 280 -14.75 6.98 14.90
CA HIS C 280 -13.47 6.79 15.56
C HIS C 280 -12.93 8.14 16.01
N ASN C 281 -12.58 8.25 17.28
CA ASN C 281 -12.05 9.47 17.87
C ASN C 281 -13.00 10.64 17.63
N ASN C 282 -14.29 10.39 17.87
CA ASN C 282 -15.33 11.40 17.72
C ASN C 282 -15.38 11.97 16.31
N LYS C 283 -15.02 11.14 15.32
CA LYS C 283 -15.02 11.55 13.93
C LYS C 283 -15.78 10.52 13.10
N CYS C 284 -16.43 11.00 12.05
CA CYS C 284 -17.12 10.14 11.08
C CYS C 284 -16.19 9.97 9.89
N ILE C 285 -15.43 8.88 9.88
CA ILE C 285 -14.41 8.64 8.85
C ILE C 285 -14.85 7.48 7.97
N PRO C 286 -14.35 7.37 6.73
CA PRO C 286 -14.80 6.28 5.86
C PRO C 286 -14.40 4.90 6.35
N GLU C 287 -13.18 4.73 6.84
CA GLU C 287 -12.70 3.41 7.25
C GLU C 287 -11.94 3.52 8.57
N CYS C 288 -11.98 2.46 9.34
CA CYS C 288 -11.21 2.41 10.59
C CYS C 288 -9.72 2.37 10.27
N PRO C 289 -8.89 3.00 11.09
CA PRO C 289 -7.44 2.99 10.83
C PRO C 289 -6.84 1.61 11.07
N SER C 290 -5.59 1.47 10.64
CA SER C 290 -4.86 0.21 10.82
C SER C 290 -4.70 -0.09 12.29
N GLY C 291 -5.22 -1.24 12.72
CA GLY C 291 -5.22 -1.62 14.12
C GLY C 291 -6.60 -1.70 14.73
N TYR C 292 -7.61 -1.14 14.08
CA TYR C 292 -8.98 -1.14 14.58
C TYR C 292 -9.90 -1.78 13.55
N THR C 293 -10.92 -2.47 14.05
CA THR C 293 -11.98 -3.03 13.21
C THR C 293 -13.32 -2.46 13.63
N MET C 294 -14.26 -2.44 12.68
CA MET C 294 -15.56 -1.83 12.92
C MET C 294 -16.45 -2.77 13.73
N ASN C 295 -17.11 -2.22 14.75
CA ASN C 295 -18.16 -2.94 15.45
C ASN C 295 -19.44 -2.82 14.64
N SER C 296 -20.02 -3.96 14.26
CA SER C 296 -21.17 -3.95 13.35
C SER C 296 -22.41 -3.31 13.97
N SER C 297 -22.44 -3.15 15.29
CA SER C 297 -23.65 -2.67 15.94
C SER C 297 -23.74 -1.14 15.91
N ASN C 298 -22.70 -0.46 16.40
CA ASN C 298 -22.76 0.99 16.63
C ASN C 298 -21.77 1.77 15.77
N LEU C 299 -21.26 1.16 14.70
CA LEU C 299 -20.32 1.78 13.76
C LEU C 299 -19.03 2.23 14.41
N LEU C 300 -18.74 1.76 15.63
CA LEU C 300 -17.57 2.23 16.37
C LEU C 300 -16.40 1.30 16.11
N CYS C 301 -15.23 1.88 15.83
CA CYS C 301 -14.03 1.10 15.60
C CYS C 301 -13.50 0.57 16.92
N THR C 302 -13.22 -0.73 16.96
CA THR C 302 -12.70 -1.36 18.16
C THR C 302 -11.36 -2.02 17.87
N PRO C 303 -10.49 -2.14 18.88
CA PRO C 303 -9.20 -2.82 18.65
C PRO C 303 -9.43 -4.27 18.25
N CYS C 304 -8.63 -4.74 17.30
CA CYS C 304 -8.81 -6.10 16.83
C CYS C 304 -8.21 -7.10 17.80
N LEU C 305 -8.60 -8.36 17.65
CA LEU C 305 -7.94 -9.47 18.34
C LEU C 305 -6.90 -10.04 17.38
N GLY C 306 -5.62 -9.73 17.62
CA GLY C 306 -4.59 -10.14 16.70
C GLY C 306 -4.67 -9.38 15.40
N PRO C 307 -4.36 -10.06 14.29
CA PRO C 307 -4.37 -9.38 12.99
C PRO C 307 -5.80 -9.10 12.54
N CYS C 308 -5.99 -7.93 11.92
CA CYS C 308 -7.34 -7.80 11.40
C CYS C 308 -7.41 -8.01 9.89
N PRO C 309 -8.45 -8.71 9.44
CA PRO C 309 -8.71 -9.03 8.03
C PRO C 309 -8.84 -7.77 7.16
N PHE D 2 5.16 17.23 -13.90
CA PHE D 2 3.81 17.55 -13.43
C PHE D 2 2.77 17.32 -14.51
N GLU D 3 3.10 17.74 -15.74
CA GLU D 3 2.16 17.59 -16.85
C GLU D 3 1.85 16.12 -17.10
N ASP D 4 2.83 15.25 -16.92
CA ASP D 4 2.59 13.81 -17.06
C ASP D 4 1.67 13.32 -15.95
N TYR D 5 1.83 13.86 -14.74
CA TYR D 5 0.94 13.48 -13.64
C TYR D 5 -0.49 13.96 -13.87
N LEU D 6 -0.65 15.11 -14.52
CA LEU D 6 -1.98 15.64 -14.77
C LEU D 6 -2.76 14.75 -15.73
N HIS D 7 -2.13 14.32 -16.82
CA HIS D 7 -2.83 13.51 -17.80
C HIS D 7 -3.21 12.14 -17.24
N ASN D 8 -2.38 11.57 -16.38
CA ASN D 8 -2.65 10.24 -15.85
C ASN D 8 -3.88 10.23 -14.94
N VAL D 9 -4.18 11.37 -14.31
CA VAL D 9 -5.32 11.45 -13.38
C VAL D 9 -6.52 12.14 -14.00
N VAL D 10 -6.37 12.76 -15.17
CA VAL D 10 -7.48 13.44 -15.82
C VAL D 10 -8.21 12.53 -16.80
N PHE D 11 -7.47 11.77 -17.60
CA PHE D 11 -8.06 10.95 -18.65
C PHE D 11 -8.45 9.57 -18.17
N VAL D 12 -8.96 9.46 -16.94
CA VAL D 12 -9.45 8.19 -16.41
C VAL D 12 -10.84 7.95 -16.99
N PRO D 13 -11.31 6.70 -17.08
CA PRO D 13 -12.63 6.46 -17.67
C PRO D 13 -13.78 7.12 -16.91
N ARG D 14 -13.81 6.97 -15.58
CA ARG D 14 -14.76 7.69 -14.75
C ARG D 14 -14.19 9.05 -14.41
N PRO D 15 -14.90 10.15 -14.70
CA PRO D 15 -14.29 11.48 -14.53
C PRO D 15 -13.90 11.80 -13.09
N SER D 16 -14.86 11.75 -12.18
CA SER D 16 -14.59 12.10 -10.78
C SER D 16 -13.56 11.17 -10.14
N GLN E 1 -25.29 42.89 22.60
CA GLN E 1 -26.37 43.17 23.54
C GLN E 1 -27.06 41.88 23.95
N VAL E 2 -26.27 40.90 24.37
CA VAL E 2 -26.82 39.61 24.77
C VAL E 2 -27.52 39.75 26.12
N GLN E 3 -28.80 39.44 26.15
CA GLN E 3 -29.59 39.55 27.38
C GLN E 3 -30.55 38.36 27.47
N LEU E 4 -30.80 37.91 28.70
CA LEU E 4 -31.75 36.84 28.96
C LEU E 4 -32.57 37.20 30.18
N LYS E 5 -33.89 37.07 30.07
CA LYS E 5 -34.80 37.43 31.14
C LYS E 5 -35.71 36.26 31.46
N GLU E 6 -35.91 36.01 32.76
CA GLU E 6 -36.83 34.99 33.23
C GLU E 6 -38.15 35.65 33.64
N SER E 7 -39.23 34.87 33.55
CA SER E 7 -40.55 35.37 33.92
C SER E 7 -41.35 34.18 34.48
N GLY E 8 -41.37 34.07 35.80
CA GLY E 8 -42.07 33.00 36.46
C GLY E 8 -43.24 33.48 37.29
N PRO E 9 -44.08 32.56 37.75
CA PRO E 9 -45.24 32.96 38.57
C PRO E 9 -44.86 33.37 39.98
N GLY E 10 -43.72 32.95 40.49
CA GLY E 10 -43.31 33.31 41.85
C GLY E 10 -43.87 32.45 42.97
N LEU E 11 -45.18 32.17 42.94
CA LEU E 11 -45.83 31.35 43.94
C LEU E 11 -46.60 30.24 43.25
N VAL E 12 -46.25 29.00 43.58
CA VAL E 12 -46.92 27.82 43.03
C VAL E 12 -47.33 26.93 44.19
N ALA E 13 -48.57 26.45 44.17
CA ALA E 13 -49.02 25.53 45.19
C ALA E 13 -48.30 24.19 45.04
N PRO E 14 -48.15 23.43 46.14
CA PRO E 14 -47.53 22.10 46.03
C PRO E 14 -48.33 21.20 45.09
N SER E 15 -47.62 20.28 44.45
CA SER E 15 -48.23 19.27 43.58
C SER E 15 -48.96 19.89 42.39
N GLN E 16 -48.52 21.07 41.98
CA GLN E 16 -48.99 21.78 40.79
C GLN E 16 -47.88 21.77 39.73
N SER E 17 -47.89 22.76 38.85
CA SER E 17 -46.90 22.84 37.79
C SER E 17 -46.29 24.23 37.76
N LEU E 18 -45.05 24.31 37.28
CA LEU E 18 -44.29 25.54 37.18
C LEU E 18 -43.96 25.82 35.72
N SER E 19 -44.27 27.04 35.27
CA SER E 19 -44.04 27.44 33.88
C SER E 19 -43.25 28.73 33.87
N ILE E 20 -42.04 28.69 33.32
CA ILE E 20 -41.15 29.84 33.24
C ILE E 20 -40.73 30.04 31.79
N THR E 21 -40.65 31.30 31.38
CA THR E 21 -40.29 31.66 30.01
C THR E 21 -39.01 32.49 30.01
N CYS E 22 -38.03 32.04 29.23
CA CYS E 22 -36.75 32.73 29.09
C CYS E 22 -36.77 33.50 27.77
N THR E 23 -36.88 34.82 27.86
CA THR E 23 -36.92 35.69 26.69
C THR E 23 -35.50 36.17 26.39
N VAL E 24 -34.93 35.71 25.28
CA VAL E 24 -33.55 36.01 24.95
C VAL E 24 -33.52 37.09 23.87
N SER E 25 -32.35 37.72 23.73
CA SER E 25 -32.15 38.74 22.71
C SER E 25 -30.66 38.92 22.52
N GLY E 26 -30.26 39.16 21.26
CA GLY E 26 -28.87 39.40 20.94
C GLY E 26 -28.15 38.22 20.30
N PHE E 27 -28.78 37.06 20.22
CA PHE E 27 -28.17 35.89 19.62
C PHE E 27 -29.25 34.98 19.06
N PRO E 28 -28.97 34.26 17.99
CA PRO E 28 -29.98 33.34 17.42
C PRO E 28 -30.08 32.07 18.27
N LEU E 29 -31.31 31.69 18.61
CA LEU E 29 -31.53 30.45 19.34
C LEU E 29 -31.22 29.23 18.47
N THR E 30 -31.19 29.40 17.14
CA THR E 30 -30.88 28.28 16.26
C THR E 30 -29.42 27.86 16.35
N ALA E 31 -28.54 28.75 16.82
CA ALA E 31 -27.11 28.46 16.90
C ALA E 31 -26.57 28.37 18.32
N TYR E 32 -27.38 28.71 19.33
CA TYR E 32 -26.93 28.69 20.71
C TYR E 32 -27.91 27.89 21.55
N GLY E 33 -27.38 27.13 22.50
CA GLY E 33 -28.22 26.41 23.43
C GLY E 33 -28.50 27.21 24.69
N VAL E 34 -29.61 26.88 25.34
CA VAL E 34 -30.03 27.57 26.56
C VAL E 34 -30.22 26.52 27.65
N ASN E 35 -29.54 26.70 28.77
CA ASN E 35 -29.66 25.81 29.92
C ASN E 35 -30.70 26.34 30.89
N TRP E 36 -31.15 25.46 31.78
CA TRP E 36 -31.99 25.83 32.91
C TRP E 36 -31.31 25.35 34.17
N VAL E 37 -30.98 26.29 35.06
CA VAL E 37 -30.29 26.00 36.30
C VAL E 37 -31.04 26.66 37.44
N ARG E 38 -31.37 25.89 38.48
CA ARG E 38 -32.02 26.41 39.66
C ARG E 38 -31.05 26.46 40.83
N GLN E 39 -31.43 27.19 41.86
CA GLN E 39 -30.61 27.31 43.04
C GLN E 39 -31.48 27.41 44.28
N PRO E 40 -31.55 26.36 45.09
CA PRO E 40 -32.32 26.42 46.34
C PRO E 40 -31.76 27.48 47.26
N PRO E 41 -32.57 28.01 48.18
CA PRO E 41 -32.10 29.06 49.09
C PRO E 41 -30.94 28.58 49.94
N GLY E 42 -29.78 29.21 49.76
CA GLY E 42 -28.59 28.88 50.53
C GLY E 42 -27.89 27.61 50.10
N LYS E 43 -28.27 27.02 48.97
CA LYS E 43 -27.64 25.80 48.47
C LYS E 43 -27.02 26.06 47.11
N GLY E 44 -26.33 25.05 46.59
CA GLY E 44 -25.58 25.18 45.36
C GLY E 44 -26.43 25.16 44.10
N LEU E 45 -25.76 25.35 42.97
CA LEU E 45 -26.43 25.34 41.68
C LEU E 45 -26.77 23.92 41.27
N GLU E 46 -27.88 23.78 40.55
CA GLU E 46 -28.36 22.49 40.08
C GLU E 46 -28.82 22.62 38.64
N TRP E 47 -28.16 21.91 37.74
CA TRP E 47 -28.51 21.94 36.33
C TRP E 47 -29.78 21.12 36.10
N LEU E 48 -30.78 21.75 35.49
CA LEU E 48 -32.04 21.08 35.18
C LEU E 48 -32.03 20.47 33.79
N GLY E 49 -31.66 21.25 32.78
CA GLY E 49 -31.61 20.75 31.42
C GLY E 49 -31.24 21.86 30.47
N MET E 50 -30.98 21.46 29.22
CA MET E 50 -30.70 22.41 28.16
C MET E 50 -31.32 21.91 26.86
N ILE E 51 -31.48 22.83 25.91
CA ILE E 51 -32.02 22.52 24.59
C ILE E 51 -31.05 23.05 23.55
N TRP E 52 -30.67 22.19 22.61
CA TRP E 52 -29.68 22.54 21.60
C TRP E 52 -30.30 23.44 20.52
N GLY E 53 -29.47 23.80 19.54
CA GLY E 53 -29.96 24.66 18.46
C GLY E 53 -30.93 23.95 17.54
N ASP E 54 -30.65 22.68 17.23
CA ASP E 54 -31.53 21.92 16.35
C ASP E 54 -32.84 21.56 17.02
N GLY E 55 -32.92 21.64 18.35
CA GLY E 55 -34.12 21.34 19.09
C GLY E 55 -33.98 20.20 20.08
N ASN E 56 -32.93 19.39 19.96
CA ASN E 56 -32.74 18.28 20.89
C ASN E 56 -32.58 18.79 22.31
N THR E 57 -33.12 18.05 23.27
CA THR E 57 -33.15 18.46 24.67
C THR E 57 -32.49 17.39 25.53
N ASP E 58 -31.72 17.85 26.51
CA ASP E 58 -31.13 16.99 27.53
C ASP E 58 -31.68 17.39 28.89
N TYR E 59 -31.89 16.40 29.75
CA TYR E 59 -32.50 16.62 31.05
C TYR E 59 -31.66 15.99 32.15
N ASN E 60 -31.85 16.49 33.37
CA ASN E 60 -31.24 15.89 34.54
C ASN E 60 -31.77 14.47 34.72
N SER E 61 -30.86 13.53 35.00
CA SER E 61 -31.25 12.14 35.15
C SER E 61 -32.23 11.94 36.30
N ALA E 62 -32.11 12.74 37.36
CA ALA E 62 -33.00 12.60 38.51
C ALA E 62 -34.35 13.25 38.28
N LEU E 63 -34.42 14.30 37.45
CA LEU E 63 -35.64 15.07 37.25
C LEU E 63 -36.10 15.03 35.81
N LYS E 64 -35.78 13.96 35.08
CA LYS E 64 -36.17 13.87 33.67
C LYS E 64 -37.67 13.65 33.53
N SER E 65 -38.28 12.96 34.50
CA SER E 65 -39.70 12.63 34.40
C SER E 65 -40.57 13.87 34.50
N ARG E 66 -40.19 14.83 35.34
CA ARG E 66 -41.04 15.99 35.60
C ARG E 66 -40.74 17.18 34.70
N LEU E 67 -39.55 17.24 34.11
CA LEU E 67 -39.12 18.40 33.34
C LEU E 67 -39.57 18.31 31.89
N SER E 68 -39.75 19.49 31.29
CA SER E 68 -40.13 19.59 29.88
C SER E 68 -39.63 20.93 29.36
N ILE E 69 -38.80 20.90 28.31
CA ILE E 69 -38.18 22.09 27.76
C ILE E 69 -38.52 22.17 26.28
N SER E 70 -39.02 23.34 25.86
CA SER E 70 -39.31 23.62 24.46
C SER E 70 -38.90 25.06 24.18
N LYS E 71 -39.00 25.47 22.92
CA LYS E 71 -38.60 26.83 22.56
C LYS E 71 -39.31 27.25 21.28
N ASP E 72 -39.33 28.56 21.06
CA ASP E 72 -39.87 29.15 19.84
C ASP E 72 -38.80 30.09 19.28
N ASN E 73 -38.19 29.69 18.15
CA ASN E 73 -37.06 30.44 17.62
C ASN E 73 -37.50 31.79 17.06
N SER E 74 -38.68 31.85 16.45
CA SER E 74 -39.15 33.11 15.88
C SER E 74 -39.41 34.14 16.96
N LYS E 75 -39.89 33.71 18.13
CA LYS E 75 -40.15 34.60 19.24
C LYS E 75 -38.95 34.79 20.15
N SER E 76 -37.88 34.04 19.93
CA SER E 76 -36.67 34.09 20.78
C SER E 76 -37.02 33.82 22.24
N GLN E 77 -37.73 32.72 22.47
CA GLN E 77 -38.19 32.35 23.80
C GLN E 77 -37.90 30.87 24.05
N VAL E 78 -37.56 30.55 25.29
CA VAL E 78 -37.34 29.18 25.74
C VAL E 78 -38.20 28.93 26.95
N PHE E 79 -38.96 27.84 26.94
CA PHE E 79 -39.95 27.55 27.96
C PHE E 79 -39.51 26.37 28.83
N LEU E 80 -39.89 26.42 30.10
CA LEU E 80 -39.62 25.37 31.06
C LEU E 80 -40.89 25.02 31.81
N LYS E 81 -41.21 23.73 31.87
CA LYS E 81 -42.38 23.26 32.59
C LYS E 81 -41.97 22.10 33.49
N MET E 82 -42.33 22.20 34.76
CA MET E 82 -42.05 21.18 35.76
C MET E 82 -43.36 20.69 36.36
N ASN E 83 -43.46 19.38 36.59
CA ASN E 83 -44.69 18.77 37.08
C ASN E 83 -44.50 18.22 38.49
N SER E 84 -45.59 18.22 39.26
CA SER E 84 -45.62 17.68 40.62
C SER E 84 -44.56 18.33 41.50
N LEU E 85 -44.76 19.62 41.74
CA LEU E 85 -43.81 20.38 42.53
C LEU E 85 -43.87 19.96 44.00
N GLN E 86 -42.79 20.25 44.72
CA GLN E 86 -42.69 19.95 46.14
C GLN E 86 -42.06 21.15 46.85
N THR E 87 -42.07 21.10 48.19
CA THR E 87 -41.56 22.23 48.97
C THR E 87 -40.07 22.42 48.74
N ASP E 88 -39.33 21.36 48.43
CA ASP E 88 -37.90 21.48 48.18
C ASP E 88 -37.59 22.02 46.79
N ASP E 89 -38.61 22.22 45.95
CA ASP E 89 -38.42 22.82 44.63
C ASP E 89 -38.39 24.34 44.69
N THR E 90 -38.61 24.94 45.85
CA THR E 90 -38.52 26.37 46.00
C THR E 90 -37.08 26.81 45.73
N ALA E 91 -36.89 27.60 44.68
CA ALA E 91 -35.55 28.01 44.26
C ALA E 91 -35.68 29.14 43.26
N ARG E 92 -34.53 29.74 42.95
CA ARG E 92 -34.44 30.74 41.89
C ARG E 92 -33.97 30.05 40.61
N TYR E 93 -34.73 30.21 39.54
CA TYR E 93 -34.50 29.48 38.30
C TYR E 93 -33.86 30.40 37.27
N TYR E 94 -32.65 30.05 36.84
CA TYR E 94 -31.92 30.81 35.83
C TYR E 94 -32.03 30.16 34.46
N CYS E 95 -31.71 30.94 33.44
CA CYS E 95 -31.52 30.42 32.08
C CYS E 95 -30.28 31.08 31.50
N ALA E 96 -29.36 30.27 30.98
CA ALA E 96 -28.06 30.75 30.53
C ALA E 96 -27.78 30.26 29.13
N ARG E 97 -27.18 31.14 28.31
CA ARG E 97 -26.78 30.77 26.96
C ARG E 97 -25.62 29.78 27.00
N ASP E 98 -25.51 28.97 25.95
CA ASP E 98 -24.50 27.92 25.89
C ASP E 98 -23.92 27.83 24.48
N PRO E 99 -22.79 28.49 24.22
CA PRO E 99 -22.05 28.28 22.96
C PRO E 99 -21.29 26.96 22.99
N TYR E 100 -22.05 25.86 22.85
CA TYR E 100 -21.54 24.53 23.17
C TYR E 100 -20.26 24.19 22.42
N GLY E 101 -20.09 24.69 21.20
CA GLY E 101 -18.87 24.41 20.45
C GLY E 101 -17.64 25.11 20.98
N SER E 102 -17.81 26.23 21.69
CA SER E 102 -16.69 27.06 22.13
C SER E 102 -16.64 27.17 23.65
N LYS E 103 -17.58 27.87 24.28
CA LYS E 103 -17.56 28.13 25.71
C LYS E 103 -18.82 27.59 26.38
N PRO E 104 -18.75 27.29 27.68
CA PRO E 104 -19.95 26.85 28.41
C PRO E 104 -20.93 27.98 28.67
N MET E 105 -21.68 27.88 29.75
CA MET E 105 -22.64 28.92 30.10
C MET E 105 -21.90 30.22 30.40
N ASP E 106 -22.15 31.25 29.59
CA ASP E 106 -21.51 32.53 29.75
C ASP E 106 -22.47 33.58 30.30
N TYR E 107 -23.50 33.93 29.54
CA TYR E 107 -24.45 34.97 29.95
C TYR E 107 -25.62 34.34 30.69
N TRP E 108 -25.81 34.75 31.94
CA TRP E 108 -26.89 34.25 32.79
C TRP E 108 -27.92 35.36 33.00
N GLY E 109 -29.19 34.97 33.02
CA GLY E 109 -30.23 35.90 33.43
C GLY E 109 -30.22 36.12 34.92
N GLN E 110 -30.93 37.16 35.34
CA GLN E 110 -31.03 37.45 36.77
C GLN E 110 -31.86 36.41 37.52
N GLY E 111 -32.50 35.48 36.80
CA GLY E 111 -33.28 34.44 37.44
C GLY E 111 -34.59 34.93 37.99
N THR E 112 -35.53 34.01 38.24
CA THR E 112 -36.81 34.33 38.84
C THR E 112 -36.99 33.46 40.07
N SER E 113 -37.54 34.07 41.13
CA SER E 113 -37.78 33.37 42.38
C SER E 113 -39.12 32.66 42.33
N VAL E 114 -39.14 31.39 42.74
CA VAL E 114 -40.34 30.57 42.75
C VAL E 114 -40.43 29.90 44.12
N THR E 115 -41.51 30.19 44.84
CA THR E 115 -41.75 29.60 46.15
C THR E 115 -42.88 28.59 46.04
N VAL E 116 -42.67 27.39 46.57
CA VAL E 116 -43.65 26.32 46.55
C VAL E 116 -44.13 26.13 47.98
N SER E 117 -45.33 26.61 48.28
CA SER E 117 -45.91 26.50 49.61
C SER E 117 -47.42 26.69 49.48
N SER E 118 -48.09 26.70 50.62
CA SER E 118 -49.54 26.85 50.65
C SER E 118 -49.95 28.09 51.47
N ASP F 4 -23.45 8.66 34.02
CA ASP F 4 -23.86 9.84 34.78
C ASP F 4 -22.68 10.40 35.57
N ILE F 5 -22.19 11.57 35.14
CA ILE F 5 -21.01 12.19 35.74
C ILE F 5 -21.38 12.85 37.06
N VAL F 6 -20.48 12.75 38.04
CA VAL F 6 -20.69 13.32 39.36
C VAL F 6 -19.46 14.15 39.72
N MET F 7 -19.68 15.40 40.11
CA MET F 7 -18.62 16.29 40.54
C MET F 7 -18.59 16.40 42.05
N SER F 8 -17.45 16.84 42.58
CA SER F 8 -17.30 17.02 44.02
C SER F 8 -16.16 18.00 44.28
N GLN F 9 -16.42 18.99 45.11
CA GLN F 9 -15.45 20.03 45.43
C GLN F 9 -15.05 19.96 46.90
N SER F 10 -13.90 20.56 47.20
CA SER F 10 -13.37 20.59 48.56
C SER F 10 -12.40 21.74 48.66
N PRO F 11 -12.35 22.46 49.79
CA PRO F 11 -13.20 22.24 50.96
C PRO F 11 -14.57 22.89 50.81
N SER F 12 -15.49 22.58 51.72
CA SER F 12 -16.81 23.20 51.66
C SER F 12 -16.72 24.71 51.82
N SER F 13 -16.01 25.17 52.84
CA SER F 13 -15.79 26.59 53.07
C SER F 13 -14.39 26.78 53.62
N LEU F 14 -13.91 28.02 53.53
CA LEU F 14 -12.58 28.35 54.04
C LEU F 14 -12.49 29.86 54.23
N VAL F 15 -11.94 30.26 55.37
CA VAL F 15 -11.68 31.66 55.67
C VAL F 15 -10.22 31.95 55.38
N VAL F 16 -9.93 33.19 55.00
CA VAL F 16 -8.59 33.56 54.59
C VAL F 16 -8.47 35.08 54.69
N SER F 17 -7.24 35.55 54.89
CA SER F 17 -6.99 36.99 54.96
C SER F 17 -6.69 37.55 53.57
N VAL F 18 -6.72 38.87 53.46
CA VAL F 18 -6.51 39.53 52.18
C VAL F 18 -5.06 39.38 51.75
N GLY F 19 -4.85 39.09 50.47
CA GLY F 19 -3.50 38.95 49.94
C GLY F 19 -2.87 37.60 50.15
N GLU F 20 -3.66 36.57 50.41
CA GLU F 20 -3.16 35.22 50.66
C GLU F 20 -3.51 34.31 49.49
N LYS F 21 -2.87 33.14 49.45
CA LYS F 21 -3.08 32.17 48.39
C LYS F 21 -4.14 31.16 48.80
N VAL F 22 -5.05 30.86 47.88
CA VAL F 22 -6.17 29.95 48.11
C VAL F 22 -6.25 28.97 46.95
N THR F 23 -6.42 27.69 47.27
CA THR F 23 -6.56 26.64 46.27
C THR F 23 -7.75 25.76 46.63
N MET F 24 -8.61 25.52 45.65
CA MET F 24 -9.79 24.68 45.81
C MET F 24 -9.82 23.62 44.72
N SER F 25 -10.31 22.43 45.07
CA SER F 25 -10.28 21.29 44.18
C SER F 25 -11.66 21.03 43.57
N CYS F 26 -11.69 20.07 42.64
CA CYS F 26 -12.92 19.71 41.93
C CYS F 26 -12.68 18.36 41.26
N LYS F 27 -13.10 17.28 41.93
CA LYS F 27 -12.89 15.93 41.43
C LYS F 27 -14.09 15.47 40.61
N SER F 28 -13.80 14.83 39.48
CA SER F 28 -14.82 14.32 38.58
C SER F 28 -14.80 12.80 38.58
N SER F 29 -15.99 12.19 38.48
CA SER F 29 -16.09 10.74 38.46
C SER F 29 -15.64 10.14 37.13
N GLN F 30 -15.57 10.96 36.08
CA GLN F 30 -15.18 10.49 34.76
C GLN F 30 -14.24 11.50 34.13
N SER F 31 -13.26 11.00 33.38
CA SER F 31 -12.29 11.89 32.74
C SER F 31 -12.99 12.79 31.73
N LEU F 32 -12.67 14.08 31.79
CA LEU F 32 -13.30 15.09 30.94
C LEU F 32 -12.41 15.49 29.78
N LEU F 33 -11.33 14.77 29.53
CA LEU F 33 -10.41 15.10 28.45
C LEU F 33 -11.02 14.66 27.12
N TYR F 34 -11.14 15.59 26.18
CA TYR F 34 -11.65 15.30 24.85
C TYR F 34 -10.49 14.83 23.97
N SER F 35 -10.61 13.64 23.40
CA SER F 35 -9.52 13.09 22.60
C SER F 35 -9.29 13.85 21.31
N SER F 36 -10.31 14.52 20.79
CA SER F 36 -10.20 15.15 19.48
C SER F 36 -9.42 16.46 19.52
N ASN F 37 -9.51 17.22 20.61
CA ASN F 37 -8.78 18.48 20.71
C ASN F 37 -7.91 18.57 21.95
N GLN F 38 -7.83 17.51 22.76
CA GLN F 38 -6.96 17.46 23.94
C GLN F 38 -7.24 18.61 24.91
N LYS F 39 -8.52 18.78 25.24
CA LYS F 39 -8.93 19.79 26.21
C LYS F 39 -9.94 19.17 27.16
N ASN F 40 -9.97 19.69 28.38
CA ASN F 40 -10.89 19.19 29.41
C ASN F 40 -12.15 20.05 29.42
N PHE F 41 -13.31 19.39 29.41
CA PHE F 41 -14.60 20.08 29.44
C PHE F 41 -14.96 20.42 30.88
N LEU F 42 -14.18 21.31 31.47
CA LEU F 42 -14.44 21.80 32.82
C LEU F 42 -14.38 23.31 32.84
N ALA F 43 -15.29 23.92 33.60
CA ALA F 43 -15.33 25.35 33.78
C ALA F 43 -15.45 25.66 35.27
N TRP F 44 -15.00 26.85 35.64
CA TRP F 44 -15.14 27.37 36.99
C TRP F 44 -16.04 28.59 36.98
N TYR F 45 -16.91 28.70 37.99
CA TYR F 45 -17.87 29.78 38.07
C TYR F 45 -17.76 30.47 39.42
N GLN F 46 -17.88 31.80 39.40
CA GLN F 46 -17.86 32.62 40.60
C GLN F 46 -19.23 33.29 40.74
N GLN F 47 -19.83 33.17 41.91
CA GLN F 47 -21.13 33.78 42.19
C GLN F 47 -20.98 34.67 43.42
N LYS F 48 -20.84 35.97 43.18
CA LYS F 48 -20.77 36.92 44.28
C LYS F 48 -22.15 37.11 44.91
N PRO F 49 -22.20 37.49 46.18
CA PRO F 49 -23.50 37.67 46.85
C PRO F 49 -24.35 38.70 46.13
N GLY F 50 -25.62 38.34 45.92
CA GLY F 50 -26.55 39.21 45.22
C GLY F 50 -26.39 39.27 43.73
N GLN F 51 -25.59 38.38 43.13
CA GLN F 51 -25.32 38.40 41.71
C GLN F 51 -25.54 37.02 41.11
N SER F 52 -25.58 36.99 39.78
CA SER F 52 -25.64 35.75 39.02
C SER F 52 -24.25 35.14 38.91
N PRO F 53 -24.17 33.83 38.63
CA PRO F 53 -22.85 33.21 38.41
C PRO F 53 -22.11 33.86 37.24
N LYS F 54 -20.79 33.96 37.38
CA LYS F 54 -19.92 34.55 36.37
C LYS F 54 -18.91 33.51 35.92
N LEU F 55 -18.73 33.40 34.61
CA LEU F 55 -17.77 32.46 34.03
C LEU F 55 -16.36 33.02 34.20
N LEU F 56 -15.55 32.36 35.04
CA LEU F 56 -14.17 32.77 35.25
C LEU F 56 -13.23 32.04 34.29
N ILE F 57 -13.16 30.72 34.41
CA ILE F 57 -12.23 29.89 33.65
C ILE F 57 -12.99 28.76 33.00
N TYR F 58 -12.78 28.57 31.70
CA TYR F 58 -13.32 27.43 30.96
C TYR F 58 -12.17 26.63 30.35
N TRP F 59 -12.49 25.41 29.93
CA TRP F 59 -11.50 24.48 29.40
C TRP F 59 -10.33 24.31 30.37
N ALA F 60 -10.66 24.06 31.63
CA ALA F 60 -9.72 23.78 32.71
C ALA F 60 -8.81 24.95 33.03
N SER F 61 -8.20 25.57 32.02
CA SER F 61 -7.19 26.60 32.23
C SER F 61 -7.44 27.91 31.51
N THR F 62 -8.23 27.93 30.43
CA THR F 62 -8.42 29.15 29.66
C THR F 62 -9.30 30.13 30.42
N ARG F 63 -8.80 31.33 30.64
CA ARG F 63 -9.55 32.35 31.35
C ARG F 63 -10.53 33.06 30.43
N GLU F 64 -11.68 33.45 30.98
CA GLU F 64 -12.66 34.20 30.23
C GLU F 64 -12.19 35.64 30.03
N SER F 65 -12.61 36.23 28.92
CA SER F 65 -12.26 37.61 28.61
C SER F 65 -12.75 38.54 29.72
N GLY F 66 -11.81 39.25 30.35
CA GLY F 66 -12.13 40.14 31.43
C GLY F 66 -11.95 39.56 32.81
N VAL F 67 -11.22 38.46 32.95
CA VAL F 67 -10.98 37.81 34.24
C VAL F 67 -9.57 38.14 34.69
N PRO F 68 -9.37 38.57 35.94
CA PRO F 68 -8.01 38.90 36.40
C PRO F 68 -7.11 37.67 36.36
N ASP F 69 -5.81 37.94 36.24
CA ASP F 69 -4.81 36.88 36.18
C ASP F 69 -4.60 36.18 37.52
N ARG F 70 -5.20 36.69 38.61
CA ARG F 70 -5.05 36.02 39.90
C ARG F 70 -5.70 34.64 39.88
N PHE F 71 -6.77 34.47 39.12
CA PHE F 71 -7.45 33.20 39.01
C PHE F 71 -6.73 32.33 37.99
N THR F 72 -6.25 31.17 38.42
CA THR F 72 -5.55 30.23 37.55
C THR F 72 -6.18 28.86 37.71
N GLY F 73 -6.54 28.25 36.58
CA GLY F 73 -7.12 26.93 36.60
C GLY F 73 -6.17 25.87 36.13
N SER F 74 -5.94 24.85 36.95
CA SER F 74 -5.02 23.76 36.63
C SER F 74 -5.76 22.43 36.76
N GLY F 75 -5.13 21.39 36.23
CA GLY F 75 -5.70 20.06 36.30
C GLY F 75 -6.04 19.47 34.96
N SER F 76 -6.10 18.14 34.90
CA SER F 76 -6.43 17.43 33.66
C SER F 76 -6.95 16.06 34.02
N GLY F 77 -7.97 15.62 33.30
CA GLY F 77 -8.56 14.32 33.54
C GLY F 77 -9.68 14.36 34.55
N THR F 78 -9.39 14.02 35.80
CA THR F 78 -10.40 13.97 36.86
C THR F 78 -10.11 14.88 38.03
N ASP F 79 -8.86 15.27 38.25
CA ASP F 79 -8.49 16.15 39.36
C ASP F 79 -8.14 17.52 38.82
N PHE F 80 -8.92 18.52 39.23
CA PHE F 80 -8.72 19.90 38.81
C PHE F 80 -8.70 20.79 40.05
N THR F 81 -7.96 21.90 39.94
CA THR F 81 -7.81 22.84 41.04
C THR F 81 -7.91 24.27 40.53
N LEU F 82 -8.50 25.14 41.34
CA LEU F 82 -8.57 26.57 41.07
C LEU F 82 -7.76 27.29 42.13
N THR F 83 -6.89 28.19 41.68
CA THR F 83 -5.95 28.88 42.56
C THR F 83 -6.14 30.39 42.42
N ILE F 84 -6.23 31.07 43.56
CA ILE F 84 -6.26 32.53 43.60
C ILE F 84 -4.93 33.00 44.14
N SER F 85 -4.18 33.76 43.33
CA SER F 85 -2.85 34.21 43.70
C SER F 85 -2.89 35.11 44.93
N SER F 86 -3.48 36.29 44.78
CA SER F 86 -3.62 37.26 45.87
C SER F 86 -5.10 37.52 46.07
N VAL F 87 -5.65 36.99 47.16
CA VAL F 87 -7.08 37.14 47.43
C VAL F 87 -7.41 38.59 47.74
N LYS F 88 -8.29 39.18 46.94
CA LYS F 88 -8.76 40.53 47.19
C LYS F 88 -10.01 40.50 48.07
N ALA F 89 -10.43 41.68 48.51
CA ALA F 89 -11.64 41.77 49.32
C ALA F 89 -12.89 41.48 48.50
N GLU F 90 -12.84 41.79 47.21
CA GLU F 90 -13.97 41.59 46.31
C GLU F 90 -14.15 40.14 45.87
N ASP F 91 -13.24 39.25 46.27
CA ASP F 91 -13.34 37.84 45.91
C ASP F 91 -14.27 37.04 46.83
N LEU F 92 -14.90 37.70 47.80
CA LEU F 92 -15.86 37.04 48.67
C LEU F 92 -17.05 36.53 47.86
N ALA F 93 -17.04 35.22 47.56
CA ALA F 93 -18.06 34.62 46.72
C ALA F 93 -18.00 33.11 46.89
N VAL F 94 -18.95 32.43 46.26
CA VAL F 94 -18.98 30.98 46.21
C VAL F 94 -18.54 30.55 44.82
N TYR F 95 -17.61 29.60 44.76
CA TYR F 95 -17.00 29.17 43.50
C TYR F 95 -17.49 27.77 43.18
N TYR F 96 -18.07 27.60 41.98
CA TYR F 96 -18.56 26.32 41.51
C TYR F 96 -17.74 25.87 40.31
N CYS F 97 -17.59 24.55 40.17
CA CYS F 97 -17.00 23.95 38.99
C CYS F 97 -18.06 23.15 38.25
N GLN F 98 -18.07 23.27 36.93
CA GLN F 98 -19.11 22.67 36.10
C GLN F 98 -18.45 21.93 34.94
N GLN F 99 -18.81 20.68 34.76
CA GLN F 99 -18.35 19.90 33.61
C GLN F 99 -19.39 20.00 32.50
N TYR F 100 -18.92 20.08 31.25
CA TYR F 100 -19.84 20.16 30.12
C TYR F 100 -19.41 19.23 29.00
N PHE F 101 -18.84 18.07 29.35
CA PHE F 101 -18.50 17.06 28.36
C PHE F 101 -19.77 16.42 27.82
N ARG F 102 -20.45 15.64 28.66
CA ARG F 102 -21.76 15.08 28.36
C ARG F 102 -22.71 15.58 29.44
N TYR F 103 -23.75 16.31 29.02
CA TYR F 103 -24.63 17.04 29.92
C TYR F 103 -23.83 18.04 30.75
N ARG F 104 -24.42 18.53 31.85
CA ARG F 104 -23.76 19.47 32.74
C ARG F 104 -24.03 19.11 34.18
N THR F 105 -22.99 19.20 35.00
CA THR F 105 -23.08 18.88 36.43
C THR F 105 -22.26 19.88 37.21
N PHE F 106 -22.89 20.53 38.18
CA PHE F 106 -22.21 21.49 39.03
C PHE F 106 -21.74 20.80 40.32
N GLY F 107 -20.65 21.32 40.88
CA GLY F 107 -20.13 20.81 42.13
C GLY F 107 -20.84 21.41 43.32
N GLY F 108 -20.43 20.94 44.51
CA GLY F 108 -20.99 21.47 45.73
C GLY F 108 -20.63 22.93 45.97
N GLY F 109 -19.47 23.35 45.47
CA GLY F 109 -19.07 24.74 45.62
C GLY F 109 -18.26 24.99 46.88
N THR F 110 -17.26 25.85 46.78
CA THR F 110 -16.43 26.24 47.92
C THR F 110 -16.74 27.67 48.29
N LYS F 111 -17.12 27.90 49.54
CA LYS F 111 -17.44 29.23 50.03
C LYS F 111 -16.16 29.91 50.50
N LEU F 112 -15.77 30.98 49.83
CA LEU F 112 -14.55 31.72 50.14
C LEU F 112 -14.93 32.97 50.93
N GLU F 113 -14.61 32.96 52.23
CA GLU F 113 -14.86 34.09 53.10
C GLU F 113 -13.53 34.78 53.44
N ILE F 114 -13.59 36.11 53.59
CA ILE F 114 -12.43 36.92 53.87
C ILE F 114 -12.47 37.38 55.33
N LYS F 115 -11.38 37.15 56.05
CA LYS F 115 -11.29 37.58 57.44
C LYS F 115 -11.34 39.10 57.55
N SER F 116 -11.87 39.59 58.67
CA SER F 116 -11.93 41.00 58.97
C SER F 116 -12.28 41.18 60.43
N SER F 117 -11.98 42.36 60.96
CA SER F 117 -12.29 42.68 62.36
C SER F 117 -12.46 44.18 62.54
N GLY G 5 29.42 -28.40 -19.81
CA GLY G 5 30.42 -27.36 -19.88
C GLY G 5 30.85 -26.85 -18.51
N GLU G 6 31.29 -25.60 -18.46
CA GLU G 6 31.76 -24.97 -17.24
C GLU G 6 30.94 -23.72 -16.95
N VAL G 7 30.94 -23.31 -15.68
CA VAL G 7 30.22 -22.12 -15.23
C VAL G 7 31.23 -21.05 -14.85
N CYS G 8 31.07 -19.85 -15.39
CA CYS G 8 31.99 -18.75 -15.17
C CYS G 8 31.24 -17.55 -14.61
N PRO G 9 31.90 -16.71 -13.81
CA PRO G 9 31.19 -15.57 -13.20
C PRO G 9 30.91 -14.44 -14.17
N GLY G 10 30.42 -13.33 -13.64
CA GLY G 10 30.10 -12.19 -14.48
C GLY G 10 31.33 -11.58 -15.13
N MET G 11 31.13 -11.08 -16.34
CA MET G 11 32.21 -10.50 -17.12
C MET G 11 31.91 -9.03 -17.42
N ASP G 12 32.97 -8.26 -17.63
CA ASP G 12 32.86 -6.85 -18.03
C ASP G 12 34.05 -6.57 -18.94
N ILE G 13 33.87 -6.88 -20.22
CA ILE G 13 34.94 -6.85 -21.22
C ILE G 13 34.84 -5.55 -22.00
N ARG G 14 35.97 -4.85 -22.13
CA ARG G 14 36.01 -3.58 -22.85
C ARG G 14 37.39 -3.38 -23.44
N ASN G 15 37.50 -2.38 -24.32
CA ASN G 15 38.75 -1.97 -24.95
C ASN G 15 39.41 -3.12 -25.71
N ASN G 16 40.11 -4.00 -25.00
CA ASN G 16 40.85 -5.08 -25.63
C ASN G 16 39.93 -6.25 -25.98
N LEU G 17 40.34 -7.01 -26.99
CA LEU G 17 39.65 -8.23 -27.40
C LEU G 17 40.23 -9.48 -26.74
N THR G 18 41.42 -9.39 -26.14
CA THR G 18 42.02 -10.58 -25.53
C THR G 18 41.23 -11.06 -24.32
N ARG G 19 40.53 -10.15 -23.64
CA ARG G 19 39.71 -10.55 -22.50
C ARG G 19 38.50 -11.36 -22.91
N LEU G 20 38.06 -11.25 -24.16
CA LEU G 20 36.86 -11.97 -24.59
C LEU G 20 37.11 -13.47 -24.71
N HIS G 21 38.35 -13.88 -24.95
CA HIS G 21 38.67 -15.30 -25.09
C HIS G 21 38.61 -16.08 -23.79
N GLU G 22 38.22 -15.44 -22.68
CA GLU G 22 38.04 -16.13 -21.41
C GLU G 22 36.77 -16.96 -21.36
N LEU G 23 35.95 -16.92 -22.41
CA LEU G 23 34.69 -17.64 -22.46
C LEU G 23 34.75 -18.89 -23.33
N GLU G 24 35.95 -19.33 -23.72
CA GLU G 24 36.05 -20.48 -24.62
C GLU G 24 35.53 -21.74 -23.97
N ASN G 25 35.83 -21.96 -22.69
CA ASN G 25 35.31 -23.10 -21.94
C ASN G 25 34.20 -22.64 -20.99
N CYS G 26 33.19 -22.00 -21.56
CA CYS G 26 32.10 -21.46 -20.75
C CYS G 26 30.76 -21.77 -21.40
N SER G 27 29.85 -22.34 -20.61
CA SER G 27 28.49 -22.63 -21.04
C SER G 27 27.44 -21.81 -20.32
N VAL G 28 27.64 -21.54 -19.04
CA VAL G 28 26.72 -20.73 -18.23
C VAL G 28 27.51 -19.61 -17.59
N ILE G 29 27.09 -18.37 -17.83
CA ILE G 29 27.72 -17.20 -17.22
C ILE G 29 26.89 -16.85 -16.00
N GLU G 30 27.36 -17.26 -14.82
CA GLU G 30 26.67 -17.02 -13.56
C GLU G 30 26.85 -15.55 -13.18
N GLY G 31 26.08 -14.71 -13.85
CA GLY G 31 26.16 -13.27 -13.67
C GLY G 31 25.72 -12.57 -14.95
N HIS G 32 26.29 -11.40 -15.18
CA HIS G 32 26.01 -10.61 -16.36
C HIS G 32 27.21 -10.61 -17.30
N LEU G 33 26.99 -10.10 -18.51
CA LEU G 33 28.04 -10.02 -19.53
C LEU G 33 27.94 -8.67 -20.21
N GLN G 34 29.03 -7.89 -20.13
CA GLN G 34 29.07 -6.55 -20.71
C GLN G 34 30.25 -6.47 -21.67
N ILE G 35 29.94 -6.32 -22.96
CA ILE G 35 30.93 -6.06 -23.99
C ILE G 35 30.69 -4.65 -24.50
N LEU G 36 31.67 -3.77 -24.32
CA LEU G 36 31.43 -2.36 -24.55
C LEU G 36 32.73 -1.65 -24.87
N LEU G 37 32.59 -0.48 -25.49
CA LEU G 37 33.68 0.46 -25.73
C LEU G 37 34.85 -0.21 -26.45
N MET G 38 34.62 -0.47 -27.74
CA MET G 38 35.64 -1.03 -28.64
C MET G 38 35.56 -0.24 -29.95
N PHE G 39 36.37 0.81 -30.03
CA PHE G 39 36.26 1.77 -31.13
C PHE G 39 37.16 1.43 -32.31
N LYS G 40 38.21 0.62 -32.12
CA LYS G 40 39.17 0.32 -33.16
C LYS G 40 39.00 -1.08 -33.75
N THR G 41 37.97 -1.81 -33.35
CA THR G 41 37.73 -3.14 -33.88
C THR G 41 37.10 -3.06 -35.27
N ARG G 42 37.33 -4.09 -36.06
CA ARG G 42 36.84 -4.20 -37.42
C ARG G 42 36.10 -5.52 -37.60
N PRO G 43 35.25 -5.62 -38.63
CA PRO G 43 34.56 -6.91 -38.88
C PRO G 43 35.50 -8.07 -39.15
N GLU G 44 36.78 -7.80 -39.47
CA GLU G 44 37.73 -8.88 -39.69
C GLU G 44 38.01 -9.68 -38.44
N ASP G 45 37.76 -9.10 -37.26
CA ASP G 45 38.04 -9.75 -35.98
C ASP G 45 36.88 -10.62 -35.48
N PHE G 46 35.73 -10.60 -36.15
CA PHE G 46 34.57 -11.32 -35.68
C PHE G 46 34.16 -12.50 -36.57
N ARG G 47 34.72 -12.61 -37.78
CA ARG G 47 34.32 -13.71 -38.65
C ARG G 47 34.80 -15.04 -38.11
N ASP G 48 36.01 -15.09 -37.54
CA ASP G 48 36.57 -16.31 -37.00
C ASP G 48 36.31 -16.47 -35.51
N LEU G 49 35.74 -15.45 -34.86
CA LEU G 49 35.49 -15.49 -33.42
C LEU G 49 34.10 -16.08 -33.15
N SER G 50 34.03 -17.04 -32.25
CA SER G 50 32.78 -17.70 -31.95
C SER G 50 32.85 -18.31 -30.55
N PHE G 51 31.71 -18.33 -29.87
CA PHE G 51 31.57 -18.95 -28.55
C PHE G 51 30.32 -19.81 -28.56
N PRO G 52 30.38 -20.99 -29.19
CA PRO G 52 29.18 -21.84 -29.30
C PRO G 52 28.83 -22.58 -28.03
N LYS G 53 29.73 -22.62 -27.04
CA LYS G 53 29.44 -23.35 -25.81
C LYS G 53 28.49 -22.59 -24.89
N LEU G 54 28.46 -21.26 -24.99
CA LEU G 54 27.61 -20.45 -24.13
C LEU G 54 26.14 -20.75 -24.39
N ILE G 55 25.39 -20.97 -23.32
CA ILE G 55 23.99 -21.37 -23.41
C ILE G 55 23.09 -20.43 -22.61
N MET G 56 23.46 -20.16 -21.36
CA MET G 56 22.60 -19.43 -20.44
C MET G 56 23.38 -18.31 -19.77
N ILE G 57 22.67 -17.21 -19.49
CA ILE G 57 23.21 -16.08 -18.73
C ILE G 57 22.27 -15.81 -17.57
N THR G 58 22.83 -15.76 -16.36
CA THR G 58 22.00 -15.61 -15.17
C THR G 58 21.39 -14.20 -15.08
N ASP G 59 22.22 -13.18 -15.24
CA ASP G 59 21.74 -11.80 -15.11
C ASP G 59 21.33 -11.23 -16.47
N TYR G 60 22.04 -10.22 -16.95
CA TYR G 60 21.68 -9.51 -18.17
C TYR G 60 22.83 -9.55 -19.17
N LEU G 61 22.55 -9.02 -20.36
CA LEU G 61 23.53 -8.93 -21.44
C LEU G 61 23.54 -7.51 -21.98
N LEU G 62 24.73 -6.94 -22.15
CA LEU G 62 24.87 -5.54 -22.54
C LEU G 62 25.86 -5.43 -23.69
N LEU G 63 25.40 -4.84 -24.79
CA LEU G 63 26.24 -4.51 -25.95
C LEU G 63 26.14 -3.02 -26.20
N PHE G 64 27.29 -2.34 -26.20
CA PHE G 64 27.29 -0.88 -26.30
C PHE G 64 28.59 -0.43 -26.97
N ARG G 65 28.47 0.12 -28.18
CA ARG G 65 29.60 0.71 -28.90
C ARG G 65 30.70 -0.32 -29.16
N VAL G 66 30.31 -1.42 -29.82
CA VAL G 66 31.24 -2.45 -30.25
C VAL G 66 31.34 -2.33 -31.76
N TYR G 67 32.36 -1.62 -32.24
CA TYR G 67 32.51 -1.37 -33.67
C TYR G 67 32.97 -2.62 -34.41
N GLY G 68 32.51 -2.76 -35.66
CA GLY G 68 32.86 -3.87 -36.51
C GLY G 68 31.95 -5.08 -36.37
N LEU G 69 31.32 -5.26 -35.20
CA LEU G 69 30.44 -6.40 -34.97
C LEU G 69 29.13 -6.17 -35.71
N GLU G 70 28.88 -6.95 -36.75
CA GLU G 70 27.70 -6.78 -37.59
C GLU G 70 26.56 -7.74 -37.25
N SER G 71 26.85 -8.86 -36.58
CA SER G 71 25.82 -9.80 -36.21
C SER G 71 26.32 -10.67 -35.06
N LEU G 72 25.39 -11.20 -34.29
CA LEU G 72 25.69 -12.07 -33.16
C LEU G 72 25.42 -13.54 -33.46
N LYS G 73 25.04 -13.87 -34.71
CA LYS G 73 24.78 -15.27 -35.04
C LYS G 73 26.04 -16.11 -34.97
N ASP G 74 27.20 -15.50 -35.21
CA ASP G 74 28.47 -16.20 -35.10
C ASP G 74 29.12 -16.06 -33.73
N LEU G 75 28.79 -15.00 -32.99
CA LEU G 75 29.41 -14.79 -31.69
C LEU G 75 28.74 -15.63 -30.60
N PHE G 76 27.41 -15.61 -30.55
CA PHE G 76 26.64 -16.39 -29.57
C PHE G 76 25.58 -17.20 -30.30
N PRO G 77 25.98 -18.28 -30.98
CA PRO G 77 25.01 -19.06 -31.75
C PRO G 77 24.12 -19.96 -30.92
N ASN G 78 24.50 -20.26 -29.66
CA ASN G 78 23.75 -21.21 -28.83
C ASN G 78 23.21 -20.56 -27.57
N LEU G 79 23.17 -19.23 -27.51
CA LEU G 79 22.56 -18.56 -26.37
C LEU G 79 21.05 -18.81 -26.38
N THR G 80 20.54 -19.40 -25.30
CA THR G 80 19.15 -19.83 -25.25
C THR G 80 18.33 -19.09 -24.21
N VAL G 81 18.81 -19.01 -22.97
CA VAL G 81 18.03 -18.47 -21.86
C VAL G 81 18.81 -17.34 -21.21
N ILE G 82 18.13 -16.22 -20.95
CA ILE G 82 18.65 -15.12 -20.14
C ILE G 82 17.70 -14.98 -18.95
N ARG G 83 18.09 -15.55 -17.80
CA ARG G 83 17.18 -15.62 -16.67
C ARG G 83 16.81 -14.25 -16.11
N GLY G 84 17.73 -13.29 -16.17
CA GLY G 84 17.44 -11.97 -15.64
C GLY G 84 17.25 -11.94 -14.14
N SER G 85 18.09 -12.66 -13.39
CA SER G 85 17.99 -12.63 -11.93
C SER G 85 18.22 -11.22 -11.39
N ARG G 86 19.20 -10.52 -11.95
CA ARG G 86 19.43 -9.11 -11.67
C ARG G 86 19.52 -8.38 -13.00
N LEU G 87 18.77 -7.29 -13.14
CA LEU G 87 18.59 -6.61 -14.41
C LEU G 87 19.39 -5.33 -14.45
N PHE G 88 19.59 -4.84 -15.67
CA PHE G 88 20.26 -3.55 -15.92
C PHE G 88 19.15 -2.53 -16.16
N PHE G 89 18.62 -1.97 -15.07
CA PHE G 89 17.49 -1.05 -15.10
C PHE G 89 16.28 -1.71 -15.78
N ASN G 90 15.83 -2.82 -15.19
CA ASN G 90 14.67 -3.57 -15.65
C ASN G 90 14.83 -4.06 -17.09
N TYR G 91 16.06 -4.30 -17.51
CA TYR G 91 16.34 -4.77 -18.86
C TYR G 91 17.32 -5.95 -18.77
N ALA G 92 16.93 -7.09 -19.33
CA ALA G 92 17.79 -8.25 -19.38
C ALA G 92 18.65 -8.29 -20.64
N LEU G 93 18.38 -7.42 -21.60
CA LEU G 93 19.16 -7.37 -22.85
C LEU G 93 19.17 -5.94 -23.33
N VAL G 94 20.35 -5.36 -23.48
CA VAL G 94 20.49 -3.96 -23.88
C VAL G 94 21.41 -3.90 -25.10
N ILE G 95 20.87 -3.48 -26.24
CA ILE G 95 21.64 -3.25 -27.46
C ILE G 95 21.60 -1.76 -27.75
N PHE G 96 22.55 -1.01 -27.20
CA PHE G 96 22.53 0.45 -27.24
C PHE G 96 23.70 0.97 -28.07
N GLU G 97 23.38 1.75 -29.10
CA GLU G 97 24.38 2.38 -29.96
C GLU G 97 25.36 1.37 -30.53
N MET G 98 24.84 0.20 -30.92
CA MET G 98 25.65 -0.84 -31.57
C MET G 98 25.65 -0.58 -33.07
N VAL G 99 26.54 0.33 -33.48
CA VAL G 99 26.66 0.64 -34.89
C VAL G 99 27.24 -0.56 -35.64
N HIS G 100 27.10 -0.53 -36.97
CA HIS G 100 27.57 -1.57 -37.88
C HIS G 100 26.80 -2.88 -37.70
N LEU G 101 26.06 -3.01 -36.60
CA LEU G 101 25.29 -4.22 -36.35
C LEU G 101 24.12 -4.29 -37.33
N LYS G 102 24.12 -5.32 -38.17
CA LYS G 102 23.07 -5.48 -39.18
C LYS G 102 21.86 -6.25 -38.66
N GLU G 103 22.06 -7.16 -37.72
CA GLU G 103 20.98 -8.01 -37.23
C GLU G 103 21.37 -8.55 -35.87
N LEU G 104 20.40 -9.18 -35.20
CA LEU G 104 20.67 -9.82 -33.92
C LEU G 104 21.21 -11.23 -34.12
N GLY G 105 20.47 -12.08 -34.84
CA GLY G 105 20.96 -13.41 -35.14
C GLY G 105 20.97 -14.38 -33.99
N LEU G 106 20.33 -14.05 -32.87
CA LEU G 106 20.24 -14.96 -31.73
C LEU G 106 19.13 -15.96 -31.98
N TYR G 107 19.37 -16.84 -32.95
CA TYR G 107 18.35 -17.79 -33.39
C TYR G 107 18.11 -18.92 -32.39
N ASN G 108 18.79 -18.93 -31.24
CA ASN G 108 18.53 -19.91 -30.20
C ASN G 108 17.92 -19.30 -28.95
N LEU G 109 17.83 -17.98 -28.86
CA LEU G 109 17.23 -17.32 -27.69
C LEU G 109 15.75 -17.63 -27.64
N MET G 110 15.34 -18.48 -26.69
CA MET G 110 13.97 -18.96 -26.62
C MET G 110 13.15 -18.36 -25.49
N ASN G 111 13.78 -17.84 -24.44
CA ASN G 111 13.03 -17.41 -23.26
C ASN G 111 13.90 -16.48 -22.43
N ILE G 112 13.38 -15.28 -22.16
CA ILE G 112 13.96 -14.34 -21.21
C ILE G 112 13.07 -14.38 -19.98
N THR G 113 13.54 -15.05 -18.92
CA THR G 113 12.68 -15.37 -17.79
C THR G 113 12.21 -14.11 -17.06
N ARG G 114 13.04 -13.07 -17.02
CA ARG G 114 12.71 -11.87 -16.27
C ARG G 114 13.35 -10.68 -16.95
N GLY G 115 12.64 -9.55 -16.95
CA GLY G 115 13.14 -8.33 -17.55
C GLY G 115 12.61 -8.10 -18.95
N SER G 116 13.10 -7.01 -19.54
CA SER G 116 12.67 -6.62 -20.88
C SER G 116 13.86 -6.39 -21.79
N VAL G 117 13.60 -5.87 -23.00
CA VAL G 117 14.63 -5.66 -24.01
C VAL G 117 14.69 -4.18 -24.33
N ARG G 118 15.91 -3.64 -24.40
CA ARG G 118 16.15 -2.23 -24.74
C ARG G 118 17.11 -2.18 -25.92
N ILE G 119 16.60 -1.79 -27.08
CA ILE G 119 17.41 -1.67 -28.29
C ILE G 119 17.15 -0.27 -28.84
N GLU G 120 18.13 0.62 -28.68
CA GLU G 120 17.95 2.04 -28.98
C GLU G 120 19.17 2.59 -29.69
N LYS G 121 18.94 3.47 -30.67
CA LYS G 121 20.00 4.22 -31.35
C LYS G 121 21.00 3.29 -32.04
N ASN G 122 20.51 2.23 -32.66
CA ASN G 122 21.34 1.27 -33.37
C ASN G 122 21.12 1.44 -34.87
N ASN G 123 21.97 2.24 -35.50
CA ASN G 123 21.90 2.41 -36.94
C ASN G 123 22.30 1.12 -37.65
N GLU G 124 21.94 1.02 -38.92
CA GLU G 124 22.22 -0.12 -39.78
C GLU G 124 21.63 -1.43 -39.26
N LEU G 125 20.73 -1.36 -38.27
CA LEU G 125 20.19 -2.56 -37.63
C LEU G 125 18.79 -2.83 -38.18
N CYS G 126 18.67 -3.93 -38.92
CA CYS G 126 17.40 -4.41 -39.42
C CYS G 126 17.03 -5.73 -38.76
N TYR G 127 16.05 -6.43 -39.33
CA TYR G 127 15.57 -7.72 -38.82
C TYR G 127 15.12 -7.59 -37.36
N LEU G 128 14.33 -6.55 -37.08
CA LEU G 128 13.76 -6.33 -35.77
C LEU G 128 12.26 -6.58 -35.73
N ALA G 129 11.52 -6.10 -36.72
CA ALA G 129 10.08 -6.35 -36.77
C ALA G 129 9.77 -7.82 -37.04
N THR G 130 10.72 -8.58 -37.58
CA THR G 130 10.56 -10.01 -37.81
C THR G 130 10.84 -10.84 -36.57
N ILE G 131 10.72 -10.26 -35.37
CA ILE G 131 10.95 -10.95 -34.12
C ILE G 131 9.70 -10.78 -33.27
N ASP G 132 9.07 -11.89 -32.88
CA ASP G 132 7.90 -11.88 -32.01
C ASP G 132 8.40 -12.10 -30.58
N TRP G 133 8.64 -11.00 -29.87
CA TRP G 133 9.15 -11.09 -28.50
C TRP G 133 8.12 -11.67 -27.54
N SER G 134 6.85 -11.71 -27.92
CA SER G 134 5.83 -12.31 -27.07
C SER G 134 6.04 -13.80 -26.88
N ARG G 135 6.74 -14.45 -27.79
CA ARG G 135 7.12 -15.85 -27.64
C ARG G 135 8.37 -16.04 -26.80
N ILE G 136 9.00 -14.95 -26.37
CA ILE G 136 10.21 -15.01 -25.56
C ILE G 136 10.02 -14.38 -24.19
N LEU G 137 9.32 -13.25 -24.12
CA LEU G 137 9.08 -12.53 -22.87
C LEU G 137 7.60 -12.56 -22.53
N ASP G 138 7.32 -12.47 -21.23
CA ASP G 138 5.95 -12.35 -20.75
C ASP G 138 5.48 -10.90 -20.63
N SER G 139 6.42 -9.96 -20.48
CA SER G 139 6.10 -8.54 -20.34
C SER G 139 6.74 -7.79 -21.51
N VAL G 140 6.07 -7.82 -22.66
CA VAL G 140 6.56 -7.11 -23.84
C VAL G 140 6.16 -5.65 -23.85
N GLU G 141 5.29 -5.22 -22.92
CA GLU G 141 4.92 -3.81 -22.85
C GLU G 141 6.09 -2.96 -22.37
N ASP G 142 6.95 -3.51 -21.52
CA ASP G 142 8.09 -2.78 -20.99
C ASP G 142 9.29 -2.78 -21.94
N ASN G 143 9.14 -3.30 -23.15
CA ASN G 143 10.21 -3.24 -24.12
C ASN G 143 10.40 -1.81 -24.61
N HIS G 144 11.51 -1.59 -25.32
CA HIS G 144 11.84 -0.25 -25.82
C HIS G 144 12.72 -0.37 -27.04
N ILE G 145 12.11 -0.68 -28.19
CA ILE G 145 12.86 -0.85 -29.44
C ILE G 145 12.57 0.33 -30.35
N VAL G 146 13.36 1.40 -30.21
CA VAL G 146 13.14 2.63 -30.97
C VAL G 146 14.48 3.12 -31.52
N LEU G 147 14.39 4.14 -32.38
CA LEU G 147 15.57 4.86 -32.89
C LEU G 147 16.53 3.94 -33.64
N ASN G 148 16.01 2.90 -34.28
CA ASN G 148 16.82 1.98 -35.05
C ASN G 148 16.58 2.22 -36.55
N LYS G 149 17.33 1.47 -37.37
CA LYS G 149 17.12 1.57 -38.81
C LYS G 149 15.74 1.04 -39.21
N ASP G 150 15.18 0.13 -38.41
CA ASP G 150 13.84 -0.39 -38.70
C ASP G 150 12.77 0.68 -38.54
N ASP G 151 13.06 1.77 -37.84
CA ASP G 151 12.09 2.85 -37.70
C ASP G 151 11.84 3.56 -39.02
N ASN G 152 12.81 3.53 -39.92
CA ASN G 152 12.69 4.19 -41.22
C ASN G 152 11.84 3.40 -42.21
N GLU G 153 11.27 2.27 -41.79
CA GLU G 153 10.32 1.49 -42.59
C GLU G 153 10.97 0.86 -43.82
N GLU G 154 12.22 1.20 -44.10
CA GLU G 154 12.93 0.71 -45.29
C GLU G 154 14.09 -0.18 -44.84
N CYS G 155 13.75 -1.40 -44.42
CA CYS G 155 14.74 -2.42 -44.09
C CYS G 155 14.59 -3.60 -45.04
N GLY G 156 15.74 -4.22 -45.36
CA GLY G 156 15.74 -5.37 -46.23
C GLY G 156 15.45 -6.67 -45.50
N ASP G 157 14.30 -6.75 -44.84
CA ASP G 157 13.91 -7.93 -44.07
C ASP G 157 13.32 -8.97 -45.01
N ILE G 158 14.04 -10.07 -45.20
CA ILE G 158 13.59 -11.19 -46.02
C ILE G 158 13.85 -12.49 -45.27
N CYS G 159 12.85 -13.36 -45.21
CA CYS G 159 12.99 -14.62 -44.49
C CYS G 159 13.23 -15.78 -45.45
N ASN G 168 8.31 -20.34 -45.46
CA ASN G 168 8.69 -21.49 -44.62
C ASN G 168 8.75 -21.09 -43.15
N CYS G 169 9.20 -19.87 -42.88
CA CYS G 169 9.24 -19.39 -41.51
C CYS G 169 7.82 -19.22 -40.96
N PRO G 170 7.62 -19.46 -39.67
CA PRO G 170 6.27 -19.30 -39.10
C PRO G 170 5.85 -17.84 -39.06
N ALA G 171 4.54 -17.62 -39.07
CA ALA G 171 3.96 -16.30 -39.06
C ALA G 171 3.02 -16.17 -37.87
N THR G 172 3.21 -15.10 -37.09
CA THR G 172 2.42 -14.83 -35.89
C THR G 172 1.81 -13.44 -36.00
N VAL G 173 1.08 -13.05 -34.97
CA VAL G 173 0.37 -11.77 -34.94
C VAL G 173 0.97 -10.89 -33.86
N ILE G 174 1.33 -9.66 -34.23
CA ILE G 174 1.79 -8.64 -33.29
C ILE G 174 0.59 -7.78 -32.92
N ASN G 175 0.04 -7.08 -33.90
CA ASN G 175 -1.15 -6.27 -33.68
C ASN G 175 -2.36 -7.00 -34.25
N GLY G 176 -2.51 -6.98 -35.58
CA GLY G 176 -3.59 -7.70 -36.23
C GLY G 176 -3.21 -8.22 -37.60
N GLN G 177 -1.92 -8.48 -37.81
CA GLN G 177 -1.40 -8.94 -39.09
C GLN G 177 -0.47 -10.12 -38.87
N PHE G 178 -0.50 -11.05 -39.82
CA PHE G 178 0.31 -12.27 -39.78
C PHE G 178 1.62 -12.03 -40.52
N VAL G 179 2.66 -11.71 -39.77
CA VAL G 179 3.98 -11.40 -40.32
C VAL G 179 4.91 -12.58 -40.03
N GLU G 180 5.77 -12.90 -40.98
CA GLU G 180 6.73 -13.97 -40.78
C GLU G 180 7.82 -13.56 -39.80
N ARG G 181 8.27 -14.52 -39.00
CA ARG G 181 9.26 -14.28 -37.96
C ARG G 181 10.56 -14.97 -38.35
N CYS G 182 11.64 -14.21 -38.43
CA CYS G 182 12.95 -14.78 -38.74
C CYS G 182 14.03 -13.86 -38.20
N TRP G 183 15.11 -14.45 -37.70
CA TRP G 183 16.22 -13.67 -37.15
C TRP G 183 17.10 -13.10 -38.26
N THR G 184 17.57 -13.94 -39.16
CA THR G 184 18.39 -13.54 -40.29
C THR G 184 17.67 -13.91 -41.59
N HIS G 185 18.40 -13.80 -42.71
CA HIS G 185 17.86 -14.20 -43.99
C HIS G 185 17.79 -15.71 -44.16
N SER G 186 18.46 -16.48 -43.29
CA SER G 186 18.49 -17.93 -43.38
C SER G 186 18.25 -18.57 -42.01
N HIS G 187 17.54 -17.87 -41.12
CA HIS G 187 17.25 -18.41 -39.80
C HIS G 187 15.86 -17.94 -39.39
N CYS G 188 14.90 -18.86 -39.35
CA CYS G 188 13.57 -18.52 -38.86
C CYS G 188 13.59 -18.38 -37.34
N GLN G 189 12.50 -17.87 -36.80
CA GLN G 189 12.31 -17.82 -35.35
C GLN G 189 11.57 -19.08 -34.91
N LYS G 190 12.25 -19.93 -34.15
CA LYS G 190 11.64 -21.18 -33.69
C LYS G 190 10.55 -20.86 -32.68
N VAL G 191 9.31 -21.20 -33.01
CA VAL G 191 8.17 -20.97 -32.14
C VAL G 191 7.57 -22.32 -31.79
N CYS G 192 7.53 -22.64 -30.50
CA CYS G 192 6.99 -23.90 -30.05
C CYS G 192 5.48 -23.80 -29.86
N PRO G 193 4.78 -24.94 -29.90
CA PRO G 193 3.33 -24.90 -29.66
C PRO G 193 2.99 -24.33 -28.30
N THR G 194 1.77 -23.80 -28.19
CA THR G 194 1.32 -23.19 -26.94
C THR G 194 1.24 -24.22 -25.82
N ILE G 195 0.95 -25.48 -26.14
CA ILE G 195 0.85 -26.50 -25.11
C ILE G 195 2.21 -26.79 -24.48
N CYS G 196 3.31 -26.51 -25.19
CA CYS G 196 4.63 -26.73 -24.64
C CYS G 196 5.00 -25.69 -23.58
N LYS G 197 4.31 -24.56 -23.55
CA LYS G 197 4.59 -23.46 -22.60
C LYS G 197 6.04 -23.02 -22.82
N SER G 198 6.80 -22.80 -21.76
CA SER G 198 8.21 -22.43 -21.86
C SER G 198 9.14 -23.64 -21.79
N HIS G 199 8.58 -24.85 -21.77
CA HIS G 199 9.41 -26.05 -21.66
C HIS G 199 10.27 -26.27 -22.90
N GLY G 200 9.90 -25.69 -24.03
CA GLY G 200 10.63 -25.92 -25.26
C GLY G 200 10.11 -27.14 -26.00
N CYS G 201 10.47 -27.21 -27.28
CA CYS G 201 10.02 -28.30 -28.13
C CYS G 201 11.19 -28.78 -28.99
N THR G 202 11.00 -29.92 -29.63
CA THR G 202 11.98 -30.47 -30.54
C THR G 202 11.70 -29.99 -31.97
N ALA G 203 12.52 -30.46 -32.91
CA ALA G 203 12.33 -30.09 -34.31
C ALA G 203 11.02 -30.62 -34.86
N GLU G 204 10.56 -31.76 -34.36
CA GLU G 204 9.29 -32.33 -34.82
C GLU G 204 8.08 -31.65 -34.20
N GLY G 205 8.24 -30.97 -33.07
CA GLY G 205 7.16 -30.31 -32.39
C GLY G 205 6.76 -30.93 -31.07
N LEU G 206 7.48 -31.95 -30.61
CA LEU G 206 7.19 -32.60 -29.34
C LEU G 206 7.70 -31.75 -28.18
N CYS G 207 6.84 -31.50 -27.20
CA CYS G 207 7.22 -30.67 -26.07
C CYS G 207 8.29 -31.37 -25.23
N CYS G 208 9.23 -30.58 -24.72
CA CYS G 208 10.24 -31.09 -23.80
C CYS G 208 9.59 -31.43 -22.47
N HIS G 209 10.41 -31.92 -21.54
CA HIS G 209 9.91 -32.25 -20.22
C HIS G 209 9.42 -30.98 -19.52
N SER G 210 8.47 -31.17 -18.59
CA SER G 210 7.88 -30.03 -17.89
C SER G 210 8.88 -29.25 -17.06
N GLU G 211 10.11 -29.75 -16.91
CA GLU G 211 11.14 -29.05 -16.18
C GLU G 211 12.18 -28.38 -17.08
N CYS G 212 12.15 -28.64 -18.38
CA CYS G 212 13.09 -28.00 -19.29
C CYS G 212 12.74 -26.52 -19.46
N LEU G 213 13.55 -25.83 -20.26
CA LEU G 213 13.34 -24.40 -20.50
C LEU G 213 14.03 -24.03 -21.80
N GLY G 214 13.24 -23.78 -22.84
CA GLY G 214 13.77 -23.29 -24.09
C GLY G 214 13.97 -24.34 -25.17
N ASN G 215 14.80 -25.34 -24.90
CA ASN G 215 15.13 -26.35 -25.89
C ASN G 215 15.60 -27.60 -25.18
N CYS G 216 15.60 -28.72 -25.91
CA CYS G 216 16.09 -29.98 -25.39
C CYS G 216 16.46 -30.88 -26.57
N SER G 217 17.19 -31.95 -26.28
CA SER G 217 17.57 -32.90 -27.29
C SER G 217 16.62 -34.09 -27.39
N GLN G 218 15.89 -34.41 -26.32
CA GLN G 218 14.90 -35.48 -26.30
C GLN G 218 13.72 -35.06 -25.45
N PRO G 219 12.50 -35.33 -25.90
CA PRO G 219 11.32 -34.94 -25.13
C PRO G 219 11.06 -35.87 -23.95
N ASP G 220 10.34 -35.34 -22.96
CA ASP G 220 9.94 -36.09 -21.77
C ASP G 220 11.16 -36.66 -21.04
N ASP G 221 12.18 -35.84 -20.87
CA ASP G 221 13.39 -36.25 -20.17
C ASP G 221 14.03 -35.05 -19.50
N PRO G 222 14.00 -34.97 -18.17
CA PRO G 222 14.61 -33.82 -17.49
C PRO G 222 16.13 -33.80 -17.55
N THR G 223 16.76 -34.92 -17.95
CA THR G 223 18.21 -34.96 -18.10
C THR G 223 18.68 -34.51 -19.47
N LYS G 224 17.76 -34.24 -20.39
CA LYS G 224 18.11 -33.79 -21.74
C LYS G 224 17.78 -32.32 -21.97
N CYS G 225 17.50 -31.57 -20.91
CA CYS G 225 17.18 -30.15 -21.07
C CYS G 225 18.43 -29.35 -21.39
N VAL G 226 18.27 -28.33 -22.24
CA VAL G 226 19.35 -27.38 -22.46
C VAL G 226 19.47 -26.42 -21.29
N ALA G 227 18.34 -26.03 -20.72
CA ALA G 227 18.29 -25.19 -19.52
C ALA G 227 17.19 -25.71 -18.61
N CYS G 228 17.25 -25.31 -17.35
CA CYS G 228 16.30 -25.76 -16.34
C CYS G 228 15.28 -24.67 -16.06
N ARG G 229 14.01 -25.07 -15.97
CA ARG G 229 12.95 -24.10 -15.66
C ARG G 229 13.10 -23.56 -14.24
N ASN G 230 13.59 -24.38 -13.31
CA ASN G 230 13.76 -23.93 -11.93
C ASN G 230 15.22 -24.03 -11.47
N PHE G 231 15.68 -25.24 -11.16
CA PHE G 231 17.01 -25.43 -10.60
C PHE G 231 17.68 -26.63 -11.24
N TYR G 232 19.00 -26.62 -11.20
CA TYR G 232 19.84 -27.67 -11.79
C TYR G 232 20.52 -28.45 -10.67
N LEU G 233 20.45 -29.77 -10.73
CA LEU G 233 21.05 -30.62 -9.70
C LEU G 233 21.43 -31.96 -10.30
N ASP G 234 22.71 -32.33 -10.14
CA ASP G 234 23.21 -33.64 -10.56
C ASP G 234 22.94 -33.92 -12.03
N GLY G 235 23.02 -32.87 -12.86
CA GLY G 235 22.76 -33.05 -14.27
C GLY G 235 21.32 -33.25 -14.65
N ARG G 236 20.39 -32.83 -13.78
CA ARG G 236 18.96 -33.01 -14.02
C ARG G 236 18.23 -31.77 -13.55
N CYS G 237 17.19 -31.39 -14.28
CA CYS G 237 16.39 -30.23 -13.91
C CYS G 237 15.37 -30.63 -12.86
N VAL G 238 15.37 -29.88 -11.74
CA VAL G 238 14.49 -30.13 -10.62
C VAL G 238 13.65 -28.88 -10.38
N GLU G 239 12.54 -29.05 -9.68
CA GLU G 239 11.69 -27.91 -9.36
C GLU G 239 12.16 -27.19 -8.10
N THR G 240 12.77 -27.90 -7.16
CA THR G 240 13.29 -27.29 -5.95
C THR G 240 14.51 -28.10 -5.49
N CYS G 241 15.41 -27.41 -4.79
CA CYS G 241 16.58 -28.05 -4.20
C CYS G 241 16.17 -28.71 -2.89
N PRO G 242 16.13 -30.03 -2.82
CA PRO G 242 15.70 -30.69 -1.60
C PRO G 242 16.79 -30.68 -0.55
N PRO G 243 16.44 -30.87 0.72
CA PRO G 243 17.47 -31.04 1.73
C PRO G 243 18.31 -32.26 1.45
N PRO G 244 19.61 -32.23 1.80
CA PRO G 244 20.29 -31.12 2.46
C PRO G 244 21.00 -30.17 1.51
N TYR G 245 20.41 -29.92 0.34
CA TYR G 245 21.00 -29.01 -0.62
C TYR G 245 20.42 -27.60 -0.45
N TYR G 246 21.05 -26.64 -1.11
CA TYR G 246 20.69 -25.23 -0.99
C TYR G 246 20.58 -24.60 -2.36
N HIS G 247 19.71 -23.61 -2.48
CA HIS G 247 19.50 -22.89 -3.73
C HIS G 247 20.57 -21.82 -3.87
N PHE G 248 21.41 -21.93 -4.90
CA PHE G 248 22.50 -21.00 -5.14
C PHE G 248 22.25 -20.23 -6.42
N GLN G 249 22.31 -18.90 -6.33
CA GLN G 249 22.10 -17.99 -7.46
C GLN G 249 20.75 -18.17 -8.13
N ASP G 250 19.82 -18.84 -7.46
CA ASP G 250 18.45 -19.04 -7.94
C ASP G 250 18.46 -19.67 -9.34
N TRP G 251 19.29 -20.69 -9.52
CA TRP G 251 19.32 -21.41 -10.78
C TRP G 251 19.93 -22.80 -10.64
N ARG G 252 20.69 -23.04 -9.57
CA ARG G 252 21.30 -24.35 -9.36
C ARG G 252 21.37 -24.66 -7.88
N CYS G 253 21.55 -25.94 -7.58
CA CYS G 253 21.62 -26.44 -6.22
C CYS G 253 23.07 -26.74 -5.84
N VAL G 254 23.41 -26.45 -4.58
CA VAL G 254 24.75 -26.71 -4.05
C VAL G 254 24.62 -27.33 -2.66
N ASN G 255 25.70 -27.95 -2.20
CA ASN G 255 25.74 -28.53 -0.87
C ASN G 255 26.36 -27.53 0.10
N PHE G 256 26.39 -27.91 1.38
CA PHE G 256 26.94 -27.02 2.41
C PHE G 256 28.44 -26.82 2.24
N SER G 257 29.15 -27.81 1.72
CA SER G 257 30.59 -27.68 1.53
C SER G 257 30.92 -26.60 0.50
N PHE G 258 30.12 -26.51 -0.56
CA PHE G 258 30.35 -25.49 -1.59
C PHE G 258 30.11 -24.11 -1.02
N CYS G 259 28.97 -23.90 -0.35
CA CYS G 259 28.66 -22.59 0.20
C CYS G 259 29.63 -22.19 1.30
N GLN G 260 30.34 -23.16 1.90
CA GLN G 260 31.30 -22.83 2.94
C GLN G 260 32.62 -22.33 2.35
N ASP G 261 33.05 -22.92 1.24
CA ASP G 261 34.30 -22.49 0.62
C ASP G 261 34.20 -21.08 0.07
N LEU G 262 33.02 -20.71 -0.47
CA LEU G 262 32.84 -19.36 -0.96
C LEU G 262 32.91 -18.34 0.17
N HIS G 263 32.51 -18.74 1.37
CA HIS G 263 32.52 -17.81 2.50
C HIS G 263 33.96 -17.52 2.95
N HIS G 264 34.83 -18.53 2.92
CA HIS G 264 36.21 -18.35 3.35
C HIS G 264 37.01 -17.56 2.33
N LYS G 265 36.61 -16.31 2.09
CA LYS G 265 37.30 -15.40 1.19
C LYS G 265 37.49 -16.01 -0.21
N GLN G 276 31.92 -14.06 0.81
CA GLN G 276 31.57 -14.23 2.22
C GLN G 276 30.09 -14.61 2.34
N TYR G 277 29.72 -15.71 1.68
CA TYR G 277 28.33 -16.10 1.57
C TYR G 277 27.81 -16.70 2.88
N VAL G 278 26.48 -16.77 3.00
CA VAL G 278 25.80 -17.27 4.18
C VAL G 278 24.63 -18.15 3.74
N ILE G 279 23.93 -18.72 4.71
CA ILE G 279 22.79 -19.61 4.49
C ILE G 279 21.56 -18.96 5.10
N HIS G 280 20.48 -18.86 4.31
CA HIS G 280 19.23 -18.28 4.78
C HIS G 280 18.11 -18.76 3.87
N ASN G 281 17.04 -19.29 4.49
CA ASN G 281 15.87 -19.80 3.76
C ASN G 281 16.26 -20.83 2.70
N ASN G 282 17.12 -21.78 3.11
CA ASN G 282 17.58 -22.85 2.24
C ASN G 282 18.28 -22.34 1.00
N LYS G 283 18.91 -21.16 1.10
CA LYS G 283 19.61 -20.55 0.00
C LYS G 283 21.01 -20.15 0.43
N CYS G 284 21.94 -20.21 -0.52
CA CYS G 284 23.32 -19.75 -0.32
C CYS G 284 23.39 -18.34 -0.91
N ILE G 285 23.26 -17.34 -0.06
CA ILE G 285 23.21 -15.93 -0.49
C ILE G 285 24.47 -15.21 -0.03
N PRO G 286 24.85 -14.11 -0.68
CA PRO G 286 26.09 -13.43 -0.26
C PRO G 286 26.02 -12.82 1.13
N GLU G 287 24.91 -12.19 1.49
CA GLU G 287 24.81 -11.51 2.77
C GLU G 287 23.44 -11.78 3.40
N CYS G 288 23.41 -11.79 4.72
CA CYS G 288 22.13 -11.92 5.42
C CYS G 288 21.28 -10.67 5.17
N PRO G 289 19.97 -10.81 5.06
CA PRO G 289 19.12 -9.63 4.85
C PRO G 289 19.07 -8.77 6.10
N SER G 290 18.51 -7.58 5.94
CA SER G 290 18.37 -6.64 7.05
C SER G 290 17.50 -7.25 8.14
N GLY G 291 18.07 -7.37 9.34
CA GLY G 291 17.41 -8.03 10.45
C GLY G 291 18.10 -9.29 10.91
N TYR G 292 19.01 -9.85 10.12
CA TYR G 292 19.70 -11.08 10.45
C TYR G 292 21.21 -10.88 10.44
N THR G 293 21.88 -11.59 11.36
CA THR G 293 23.33 -11.64 11.42
C THR G 293 23.79 -13.08 11.27
N MET G 294 25.01 -13.26 10.78
CA MET G 294 25.52 -14.60 10.51
C MET G 294 25.99 -15.28 11.78
N ASN G 295 25.58 -16.53 11.96
CA ASN G 295 26.14 -17.37 13.01
C ASN G 295 27.43 -18.00 12.50
N SER G 296 28.53 -17.78 13.23
CA SER G 296 29.84 -18.20 12.74
C SER G 296 29.99 -19.72 12.65
N SER G 297 29.10 -20.48 13.28
CA SER G 297 29.27 -21.93 13.33
C SER G 297 28.74 -22.61 12.07
N ASN G 298 27.48 -22.35 11.72
CA ASN G 298 26.81 -23.10 10.67
C ASN G 298 26.41 -22.22 9.48
N LEU G 299 27.01 -21.04 9.34
CA LEU G 299 26.75 -20.10 8.26
C LEU G 299 25.29 -19.65 8.20
N LEU G 300 24.51 -19.89 9.24
CA LEU G 300 23.07 -19.62 9.22
C LEU G 300 22.79 -18.23 9.79
N CYS G 301 21.94 -17.47 9.09
CA CYS G 301 21.57 -16.15 9.56
C CYS G 301 20.62 -16.24 10.74
N THR G 302 20.94 -15.51 11.81
CA THR G 302 20.15 -15.46 13.03
C THR G 302 19.70 -14.03 13.31
N PRO G 303 18.60 -13.85 14.04
CA PRO G 303 18.15 -12.48 14.36
C PRO G 303 19.19 -11.70 15.16
N CYS G 304 19.30 -10.42 14.83
CA CYS G 304 20.24 -9.50 15.45
C CYS G 304 19.75 -9.07 16.83
N LEU G 305 20.66 -8.43 17.57
CA LEU G 305 20.33 -7.76 18.83
C LEU G 305 19.95 -6.33 18.46
N GLY G 306 18.66 -6.04 18.49
CA GLY G 306 18.14 -4.79 18.02
C GLY G 306 18.30 -4.68 16.51
N PRO G 307 18.41 -3.47 15.99
CA PRO G 307 18.53 -3.30 14.54
C PRO G 307 19.93 -3.56 14.03
N CYS G 308 20.01 -4.30 12.91
CA CYS G 308 21.22 -4.35 12.11
C CYS G 308 20.95 -3.62 10.81
N PRO G 309 21.85 -2.75 10.34
CA PRO G 309 21.66 -2.03 9.07
C PRO G 309 21.56 -2.95 7.87
N PHE H 2 17.38 6.93 -19.11
CA PHE H 2 18.11 5.67 -19.16
C PHE H 2 19.55 5.88 -19.61
N GLU H 3 19.73 6.70 -20.65
CA GLU H 3 21.07 6.93 -21.18
C GLU H 3 21.97 7.58 -20.13
N ASP H 4 21.41 8.47 -19.30
CA ASP H 4 22.19 9.05 -18.21
C ASP H 4 22.53 7.99 -17.17
N TYR H 5 21.62 7.06 -16.91
CA TYR H 5 21.89 5.98 -15.97
C TYR H 5 22.98 5.05 -16.51
N LEU H 6 23.03 4.85 -17.82
CA LEU H 6 24.05 3.99 -18.41
C LEU H 6 25.44 4.60 -18.25
N HIS H 7 25.57 5.90 -18.53
CA HIS H 7 26.88 6.54 -18.48
C HIS H 7 27.42 6.63 -17.06
N ASN H 8 26.55 6.81 -16.07
CA ASN H 8 27.01 6.97 -14.70
C ASN H 8 27.60 5.67 -14.14
N VAL H 9 27.16 4.52 -14.65
CA VAL H 9 27.63 3.24 -14.15
C VAL H 9 28.63 2.57 -15.08
N VAL H 10 28.82 3.08 -16.29
CA VAL H 10 29.76 2.49 -17.24
C VAL H 10 31.13 3.14 -17.13
N PHE H 11 31.19 4.47 -17.04
CA PHE H 11 32.46 5.20 -17.04
C PHE H 11 33.05 5.35 -15.65
N VAL H 12 32.96 4.33 -14.80
CA VAL H 12 33.55 4.36 -13.48
C VAL H 12 35.06 4.13 -13.57
N GLN I 1 11.34 -46.05 -20.45
CA GLN I 1 11.50 -47.47 -20.18
C GLN I 1 12.19 -47.67 -18.82
N VAL I 2 11.66 -47.00 -17.79
CA VAL I 2 12.25 -47.08 -16.46
C VAL I 2 11.93 -48.45 -15.86
N GLN I 3 12.98 -49.19 -15.51
CA GLN I 3 12.83 -50.52 -14.92
C GLN I 3 13.87 -50.70 -13.83
N LEU I 4 13.50 -51.44 -12.79
CA LEU I 4 14.40 -51.77 -11.70
C LEU I 4 14.21 -53.24 -11.33
N LYS I 5 15.32 -53.97 -11.22
CA LYS I 5 15.28 -55.39 -10.92
C LYS I 5 16.17 -55.69 -9.72
N GLU I 6 15.65 -56.50 -8.80
CA GLU I 6 16.41 -56.95 -7.65
C GLU I 6 16.97 -58.35 -7.89
N SER I 7 18.08 -58.65 -7.23
CA SER I 7 18.72 -59.97 -7.33
C SER I 7 19.38 -60.26 -5.99
N GLY I 8 18.68 -60.98 -5.13
CA GLY I 8 19.19 -61.33 -3.83
C GLY I 8 19.39 -62.83 -3.69
N PRO I 9 20.09 -63.23 -2.61
CA PRO I 9 20.34 -64.66 -2.42
C PRO I 9 19.12 -65.44 -1.97
N GLY I 10 18.15 -64.79 -1.35
CA GLY I 10 16.95 -65.49 -0.91
C GLY I 10 17.05 -66.22 0.42
N LEU I 11 18.13 -66.96 0.63
CA LEU I 11 18.33 -67.71 1.87
C LEU I 11 19.69 -67.33 2.45
N VAL I 12 19.68 -66.82 3.67
CA VAL I 12 20.89 -66.39 4.36
C VAL I 12 20.94 -67.05 5.73
N ALA I 13 22.13 -67.51 6.12
CA ALA I 13 22.33 -68.08 7.43
C ALA I 13 22.13 -67.01 8.50
N PRO I 14 21.83 -67.41 9.74
CA PRO I 14 21.65 -66.40 10.80
C PRO I 14 22.85 -65.50 10.98
N SER I 15 24.05 -65.96 10.64
CA SER I 15 25.22 -65.08 10.62
C SER I 15 25.42 -64.54 9.22
N GLN I 16 26.64 -64.69 8.69
CA GLN I 16 26.98 -64.36 7.32
C GLN I 16 26.59 -62.93 6.93
N SER I 17 26.43 -62.69 5.64
CA SER I 17 26.11 -61.38 5.11
C SER I 17 25.00 -61.49 4.06
N LEU I 18 24.29 -60.40 3.86
CA LEU I 18 23.22 -60.31 2.88
C LEU I 18 23.62 -59.30 1.81
N SER I 19 23.59 -59.73 0.55
CA SER I 19 24.01 -58.90 -0.57
C SER I 19 22.92 -58.89 -1.63
N ILE I 20 22.37 -57.70 -1.91
CA ILE I 20 21.32 -57.54 -2.91
C ILE I 20 21.78 -56.50 -3.92
N THR I 21 21.51 -56.76 -5.20
CA THR I 21 21.90 -55.87 -6.28
C THR I 21 20.67 -55.39 -7.03
N CYS I 22 20.55 -54.06 -7.16
CA CYS I 22 19.44 -53.44 -7.86
C CYS I 22 19.92 -53.01 -9.24
N THR I 23 19.48 -53.73 -10.28
CA THR I 23 19.88 -53.44 -11.64
C THR I 23 18.84 -52.54 -12.30
N VAL I 24 19.21 -51.30 -12.58
CA VAL I 24 18.30 -50.30 -13.12
C VAL I 24 18.57 -50.14 -14.61
N SER I 25 17.60 -49.55 -15.30
CA SER I 25 17.71 -49.29 -16.73
C SER I 25 16.69 -48.23 -17.11
N GLY I 26 17.08 -47.36 -18.05
CA GLY I 26 16.20 -46.33 -18.55
C GLY I 26 16.46 -44.93 -18.01
N PHE I 27 17.36 -44.78 -17.05
CA PHE I 27 17.66 -43.48 -16.47
C PHE I 27 19.09 -43.51 -15.94
N PRO I 28 19.78 -42.36 -15.96
CA PRO I 28 21.15 -42.32 -15.43
C PRO I 28 21.14 -42.31 -13.90
N LEU I 29 21.94 -43.20 -13.30
CA LEU I 29 22.08 -43.22 -11.85
C LEU I 29 22.80 -41.98 -11.32
N THR I 30 23.51 -41.25 -12.18
CA THR I 30 24.21 -40.06 -11.74
C THR I 30 23.26 -38.94 -11.36
N ALA I 31 22.02 -38.97 -11.87
CA ALA I 31 21.05 -37.91 -11.62
C ALA I 31 19.86 -38.36 -10.76
N TYR I 32 19.73 -39.64 -10.48
CA TYR I 32 18.59 -40.17 -9.73
C TYR I 32 19.08 -40.98 -8.55
N GLY I 33 18.36 -40.87 -7.43
CA GLY I 33 18.65 -41.67 -6.26
C GLY I 33 17.86 -42.97 -6.22
N VAL I 34 18.39 -43.95 -5.51
CA VAL I 34 17.77 -45.25 -5.37
C VAL I 34 17.64 -45.57 -3.90
N ASN I 35 16.42 -45.86 -3.46
CA ASN I 35 16.15 -46.25 -2.08
C ASN I 35 16.18 -47.76 -1.93
N TRP I 36 16.30 -48.20 -0.68
CA TRP I 36 16.14 -49.60 -0.31
C TRP I 36 15.07 -49.68 0.78
N VAL I 37 13.99 -50.40 0.50
CA VAL I 37 12.88 -50.53 1.42
C VAL I 37 12.54 -52.01 1.55
N ARG I 38 12.46 -52.49 2.79
CA ARG I 38 12.08 -53.86 3.07
C ARG I 38 10.67 -53.89 3.68
N GLN I 39 10.07 -55.07 3.67
CA GLN I 39 8.74 -55.22 4.20
C GLN I 39 8.60 -56.56 4.91
N PRO I 40 8.53 -56.58 6.23
CA PRO I 40 8.34 -57.84 6.96
C PRO I 40 7.04 -58.50 6.55
N PRO I 41 6.94 -59.82 6.73
CA PRO I 41 5.72 -60.54 6.31
C PRO I 41 4.48 -60.00 7.02
N GLY I 42 3.56 -59.46 6.23
CA GLY I 42 2.32 -58.96 6.78
C GLY I 42 2.42 -57.65 7.53
N LYS I 43 3.55 -56.97 7.46
CA LYS I 43 3.78 -55.71 8.16
C LYS I 43 4.03 -54.60 7.16
N GLY I 44 4.17 -53.37 7.69
CA GLY I 44 4.31 -52.20 6.84
C GLY I 44 5.68 -52.06 6.24
N LEU I 45 5.82 -51.03 5.41
CA LEU I 45 7.08 -50.74 4.75
C LEU I 45 8.08 -50.12 5.72
N GLU I 46 9.36 -50.41 5.49
CA GLU I 46 10.44 -49.90 6.32
C GLU I 46 11.56 -49.43 5.42
N TRP I 47 11.85 -48.13 5.47
CA TRP I 47 12.92 -47.56 4.67
C TRP I 47 14.28 -47.90 5.27
N LEU I 48 15.15 -48.48 4.44
CA LEU I 48 16.49 -48.85 4.91
C LEU I 48 17.50 -47.73 4.64
N GLY I 49 17.54 -47.24 3.41
CA GLY I 49 18.46 -46.17 3.07
C GLY I 49 18.36 -45.84 1.60
N MET I 50 19.02 -44.74 1.23
CA MET I 50 19.07 -44.32 -0.17
C MET I 50 20.45 -43.75 -0.47
N ILE I 51 20.78 -43.68 -1.76
CA ILE I 51 22.04 -43.14 -2.23
C ILE I 51 21.75 -42.09 -3.28
N TRP I 52 22.33 -40.90 -3.10
CA TRP I 52 22.06 -39.77 -3.97
C TRP I 52 22.83 -39.91 -5.28
N GLY I 53 22.67 -38.91 -6.17
CA GLY I 53 23.33 -38.96 -7.45
C GLY I 53 24.82 -38.75 -7.36
N ASP I 54 25.26 -37.83 -6.49
CA ASP I 54 26.68 -37.58 -6.33
C ASP I 54 27.39 -38.71 -5.60
N GLY I 55 26.63 -39.58 -4.92
CA GLY I 55 27.19 -40.70 -4.20
C GLY I 55 26.94 -40.69 -2.71
N ASN I 56 26.52 -39.55 -2.15
CA ASN I 56 26.23 -39.48 -0.73
C ASN I 56 25.09 -40.41 -0.38
N THR I 57 25.17 -41.04 0.79
CA THR I 57 24.21 -42.06 1.20
C THR I 57 23.59 -41.70 2.54
N ASP I 58 22.29 -41.97 2.66
CA ASP I 58 21.55 -41.79 3.90
C ASP I 58 21.06 -43.15 4.36
N TYR I 59 21.06 -43.37 5.68
CA TYR I 59 20.69 -44.66 6.25
C TYR I 59 19.66 -44.48 7.35
N ASN I 60 18.93 -45.56 7.62
CA ASN I 60 18.02 -45.60 8.74
C ASN I 60 18.81 -45.45 10.05
N SER I 61 18.29 -44.61 10.95
CA SER I 61 18.99 -44.37 12.21
C SER I 61 19.11 -45.63 13.04
N ALA I 62 18.13 -46.54 12.92
CA ALA I 62 18.15 -47.77 13.71
C ALA I 62 19.07 -48.83 13.12
N LEU I 63 19.28 -48.82 11.80
CA LEU I 63 20.02 -49.89 11.12
C LEU I 63 21.28 -49.36 10.43
N LYS I 64 21.87 -48.29 10.95
CA LYS I 64 23.05 -47.73 10.29
C LYS I 64 24.28 -48.63 10.46
N SER I 65 24.38 -49.34 11.58
CA SER I 65 25.59 -50.13 11.84
C SER I 65 25.73 -51.27 10.85
N ARG I 66 24.61 -51.90 10.46
CA ARG I 66 24.65 -53.08 9.63
C ARG I 66 24.54 -52.79 8.14
N LEU I 67 24.01 -51.63 7.76
CA LEU I 67 23.72 -51.34 6.35
C LEU I 67 24.93 -50.74 5.64
N SER I 68 25.00 -50.97 4.34
CA SER I 68 26.04 -50.42 3.48
C SER I 68 25.50 -50.36 2.06
N ILE I 69 25.49 -49.17 1.46
CA ILE I 69 24.93 -48.95 0.14
C ILE I 69 26.00 -48.34 -0.76
N SER I 70 26.19 -48.94 -1.94
CA SER I 70 27.11 -48.44 -2.94
C SER I 70 26.47 -48.59 -4.31
N LYS I 71 27.16 -48.12 -5.35
CA LYS I 71 26.61 -48.20 -6.70
C LYS I 71 27.75 -48.14 -7.70
N ASP I 72 27.44 -48.60 -8.93
CA ASP I 72 28.36 -48.52 -10.06
C ASP I 72 27.60 -47.85 -11.21
N ASN I 73 27.98 -46.62 -11.53
CA ASN I 73 27.21 -45.85 -12.52
C ASN I 73 27.37 -46.43 -13.93
N SER I 74 28.57 -46.92 -14.25
CA SER I 74 28.78 -47.49 -15.59
C SER I 74 27.96 -48.76 -15.78
N LYS I 75 27.82 -49.56 -14.72
CA LYS I 75 27.07 -50.80 -14.78
C LYS I 75 25.59 -50.62 -14.46
N SER I 76 25.17 -49.43 -14.03
CA SER I 76 23.78 -49.15 -13.67
C SER I 76 23.28 -50.13 -12.61
N GLN I 77 24.03 -50.25 -11.52
CA GLN I 77 23.70 -51.17 -10.43
C GLN I 77 23.83 -50.47 -9.09
N VAL I 78 22.95 -50.83 -8.17
CA VAL I 78 22.97 -50.32 -6.80
C VAL I 78 22.99 -51.53 -5.87
N PHE I 79 23.92 -51.54 -4.93
CA PHE I 79 24.14 -52.70 -4.07
C PHE I 79 23.73 -52.39 -2.63
N LEU I 80 23.24 -53.42 -1.94
CA LEU I 80 22.87 -53.33 -0.55
C LEU I 80 23.51 -54.49 0.20
N LYS I 81 24.19 -54.19 1.31
CA LYS I 81 24.84 -55.19 2.12
C LYS I 81 24.50 -55.00 3.58
N MET I 82 24.09 -56.08 4.25
CA MET I 82 23.81 -56.05 5.68
C MET I 82 24.68 -57.06 6.39
N ASN I 83 25.20 -56.67 7.56
CA ASN I 83 26.07 -57.51 8.36
C ASN I 83 25.38 -57.86 9.67
N SER I 84 25.70 -59.04 10.21
CA SER I 84 25.14 -59.53 11.47
C SER I 84 23.61 -59.57 11.40
N LEU I 85 23.13 -60.44 10.53
CA LEU I 85 21.70 -60.59 10.31
C LEU I 85 21.03 -61.27 11.50
N GLN I 86 19.73 -61.10 11.59
CA GLN I 86 18.93 -61.74 12.64
C GLN I 86 17.65 -62.29 12.02
N THR I 87 16.91 -63.06 12.83
CA THR I 87 15.71 -63.72 12.33
C THR I 87 14.63 -62.72 11.95
N ASP I 88 14.60 -61.56 12.60
CA ASP I 88 13.59 -60.54 12.30
C ASP I 88 13.91 -59.76 11.03
N ASP I 89 15.04 -60.00 10.38
CA ASP I 89 15.37 -59.35 9.13
C ASP I 89 14.75 -60.03 7.91
N THR I 90 14.06 -61.15 8.10
CA THR I 90 13.38 -61.81 6.99
C THR I 90 12.28 -60.92 6.44
N ALA I 91 12.44 -60.48 5.20
CA ALA I 91 11.50 -59.54 4.57
C ALA I 91 11.75 -59.54 3.07
N ARG I 92 10.85 -58.87 2.35
CA ARG I 92 11.00 -58.65 0.91
C ARG I 92 11.61 -57.27 0.69
N TYR I 93 12.72 -57.23 -0.04
CA TYR I 93 13.52 -56.01 -0.20
C TYR I 93 13.29 -55.43 -1.58
N TYR I 94 12.76 -54.20 -1.62
CA TYR I 94 12.55 -53.47 -2.85
C TYR I 94 13.65 -52.43 -3.05
N CYS I 95 13.79 -51.97 -4.30
CA CYS I 95 14.60 -50.80 -4.60
C CYS I 95 13.82 -49.92 -5.56
N ALA I 96 13.71 -48.63 -5.23
CA ALA I 96 12.87 -47.70 -5.98
C ALA I 96 13.67 -46.47 -6.36
N ARG I 97 13.40 -45.97 -7.58
CA ARG I 97 14.04 -44.75 -8.03
C ARG I 97 13.52 -43.54 -7.26
N ASP I 98 14.36 -42.51 -7.16
CA ASP I 98 14.02 -41.32 -6.38
C ASP I 98 14.52 -40.09 -7.11
N PRO I 99 13.66 -39.45 -7.91
CA PRO I 99 13.97 -38.11 -8.46
C PRO I 99 13.77 -37.02 -7.39
N TYR I 100 14.75 -36.96 -6.48
CA TYR I 100 14.60 -36.24 -5.22
C TYR I 100 14.18 -34.78 -5.42
N GLY I 101 14.63 -34.15 -6.50
CA GLY I 101 14.26 -32.76 -6.72
C GLY I 101 12.81 -32.56 -7.12
N SER I 102 12.17 -33.58 -7.68
CA SER I 102 10.82 -33.46 -8.22
C SER I 102 9.84 -34.39 -7.53
N LYS I 103 9.97 -35.70 -7.71
CA LYS I 103 9.01 -36.65 -7.18
C LYS I 103 9.69 -37.64 -6.25
N PRO I 104 8.94 -38.23 -5.30
CA PRO I 104 9.55 -39.25 -4.43
C PRO I 104 9.73 -40.58 -5.14
N MET I 105 9.68 -41.68 -4.39
CA MET I 105 9.81 -43.00 -4.98
C MET I 105 8.66 -43.25 -5.95
N ASP I 106 8.98 -43.39 -7.23
CA ASP I 106 7.97 -43.64 -8.25
C ASP I 106 8.03 -45.07 -8.78
N TYR I 107 9.12 -45.46 -9.44
CA TYR I 107 9.24 -46.78 -10.02
C TYR I 107 9.90 -47.73 -9.03
N TRP I 108 9.19 -48.80 -8.67
CA TRP I 108 9.66 -49.80 -7.75
C TRP I 108 9.92 -51.12 -8.49
N GLY I 109 10.97 -51.82 -8.07
CA GLY I 109 11.18 -53.17 -8.56
C GLY I 109 10.21 -54.15 -7.92
N GLN I 110 10.14 -55.34 -8.50
CA GLN I 110 9.27 -56.37 -7.96
C GLN I 110 9.72 -56.90 -6.61
N GLY I 111 10.90 -56.51 -6.15
CA GLY I 111 11.41 -56.95 -4.87
C GLY I 111 11.91 -58.38 -4.86
N THR I 112 12.75 -58.70 -3.88
CA THR I 112 13.26 -60.05 -3.70
C THR I 112 13.00 -60.52 -2.28
N SER I 113 12.62 -61.78 -2.14
CA SER I 113 12.35 -62.37 -0.84
C SER I 113 13.65 -62.89 -0.24
N VAL I 114 13.89 -62.57 1.03
CA VAL I 114 15.10 -62.98 1.74
C VAL I 114 14.69 -63.57 3.08
N THR I 115 15.06 -64.84 3.31
CA THR I 115 14.78 -65.55 4.55
C THR I 115 16.07 -65.72 5.34
N VAL I 116 16.02 -65.38 6.62
CA VAL I 116 17.17 -65.48 7.50
C VAL I 116 16.89 -66.62 8.49
N SER I 117 17.54 -67.76 8.28
CA SER I 117 17.36 -68.92 9.14
C SER I 117 18.54 -69.88 9.03
N ASP J 4 15.06 -37.12 13.64
CA ASP J 4 14.47 -38.33 13.06
C ASP J 4 12.95 -38.28 13.13
N ILE J 5 12.32 -38.12 11.97
CA ILE J 5 10.87 -37.95 11.90
C ILE J 5 10.18 -39.29 12.08
N VAL J 6 9.04 -39.28 12.75
CA VAL J 6 8.24 -40.48 13.01
C VAL J 6 6.82 -40.22 12.52
N MET J 7 6.30 -41.13 11.71
CA MET J 7 4.95 -41.04 11.16
C MET J 7 4.02 -42.00 11.89
N SER J 8 2.72 -41.73 11.76
CA SER J 8 1.69 -42.56 12.38
C SER J 8 0.38 -42.35 11.65
N GLN J 9 -0.29 -43.44 11.28
CA GLN J 9 -1.54 -43.40 10.56
C GLN J 9 -2.67 -43.94 11.42
N SER J 10 -3.90 -43.59 11.03
CA SER J 10 -5.09 -44.04 11.73
C SER J 10 -6.28 -43.92 10.79
N PRO J 11 -7.23 -44.86 10.81
CA PRO J 11 -7.22 -46.05 11.68
C PRO J 11 -6.35 -47.17 11.12
N SER J 12 -6.11 -48.21 11.93
CA SER J 12 -5.31 -49.34 11.47
C SER J 12 -5.95 -50.02 10.26
N SER J 13 -7.23 -50.35 10.37
CA SER J 13 -7.97 -50.97 9.28
C SER J 13 -9.40 -50.44 9.30
N LEU J 14 -10.09 -50.61 8.16
CA LEU J 14 -11.47 -50.17 8.05
C LEU J 14 -12.14 -50.90 6.89
N VAL J 15 -13.35 -51.37 7.12
CA VAL J 15 -14.17 -52.01 6.08
C VAL J 15 -15.17 -50.99 5.56
N VAL J 16 -15.56 -51.15 4.29
CA VAL J 16 -16.44 -50.20 3.64
C VAL J 16 -17.06 -50.90 2.43
N SER J 17 -18.25 -50.43 2.03
CA SER J 17 -18.93 -50.96 0.87
C SER J 17 -18.52 -50.19 -0.38
N VAL J 18 -18.84 -50.77 -1.54
CA VAL J 18 -18.47 -50.17 -2.82
C VAL J 18 -19.28 -48.90 -3.05
N GLY J 19 -18.62 -47.86 -3.55
CA GLY J 19 -19.28 -46.60 -3.83
C GLY J 19 -19.43 -45.68 -2.64
N GLU J 20 -18.65 -45.89 -1.58
CA GLU J 20 -18.73 -45.07 -0.38
C GLU J 20 -17.47 -44.22 -0.25
N LYS J 21 -17.53 -43.21 0.60
CA LYS J 21 -16.42 -42.29 0.81
C LYS J 21 -15.59 -42.74 2.01
N VAL J 22 -14.27 -42.69 1.85
CA VAL J 22 -13.32 -43.15 2.85
C VAL J 22 -12.25 -42.08 3.05
N THR J 23 -11.93 -41.80 4.32
CA THR J 23 -10.92 -40.81 4.68
C THR J 23 -9.98 -41.42 5.71
N MET J 24 -8.68 -41.31 5.45
CA MET J 24 -7.65 -41.81 6.36
C MET J 24 -6.63 -40.72 6.64
N SER J 25 -6.10 -40.72 7.86
CA SER J 25 -5.23 -39.65 8.34
C SER J 25 -3.76 -40.10 8.31
N CYS J 26 -2.88 -39.15 8.62
CA CYS J 26 -1.43 -39.39 8.62
C CYS J 26 -0.78 -38.23 9.37
N LYS J 27 -0.51 -38.44 10.66
CA LYS J 27 0.08 -37.41 11.49
C LYS J 27 1.60 -37.54 11.50
N SER J 28 2.27 -36.39 11.37
CA SER J 28 3.73 -36.34 11.35
C SER J 28 4.25 -35.65 12.61
N SER J 29 5.38 -36.15 13.12
CA SER J 29 5.97 -35.58 14.32
C SER J 29 6.67 -34.25 14.07
N GLN J 30 6.97 -33.93 12.82
CA GLN J 30 7.65 -32.69 12.47
C GLN J 30 7.01 -32.10 11.22
N SER J 31 6.94 -30.77 11.18
CA SER J 31 6.34 -30.09 10.03
C SER J 31 7.14 -30.37 8.77
N LEU J 32 6.41 -30.71 7.69
CA LEU J 32 7.02 -31.06 6.42
C LEU J 32 6.93 -29.94 5.39
N LEU J 33 6.52 -28.74 5.81
CA LEU J 33 6.37 -27.63 4.89
C LEU J 33 7.73 -27.05 4.55
N TYR J 34 8.05 -26.98 3.26
CA TYR J 34 9.28 -26.39 2.78
C TYR J 34 9.09 -24.89 2.60
N SER J 35 9.93 -24.09 3.26
CA SER J 35 9.76 -22.64 3.21
C SER J 35 10.09 -22.07 1.83
N SER J 36 10.93 -22.74 1.05
CA SER J 36 11.39 -22.17 -0.21
C SER J 36 10.35 -22.24 -1.32
N ASN J 37 9.52 -23.29 -1.34
CA ASN J 37 8.50 -23.43 -2.37
C ASN J 37 7.09 -23.62 -1.81
N GLN J 38 6.92 -23.59 -0.48
CA GLN J 38 5.62 -23.67 0.17
C GLN J 38 4.86 -24.94 -0.24
N LYS J 39 5.54 -26.07 -0.11
CA LYS J 39 4.93 -27.37 -0.37
C LYS J 39 5.35 -28.35 0.71
N ASN J 40 4.49 -29.32 0.97
CA ASN J 40 4.73 -30.33 1.99
C ASN J 40 5.39 -31.55 1.36
N PHE J 41 6.47 -32.02 1.97
CA PHE J 41 7.19 -33.21 1.49
C PHE J 41 6.53 -34.48 2.04
N LEU J 42 5.32 -34.73 1.57
CA LEU J 42 4.57 -35.93 1.92
C LEU J 42 4.01 -36.57 0.66
N ALA J 43 4.04 -37.90 0.62
CA ALA J 43 3.47 -38.67 -0.47
C ALA J 43 2.58 -39.77 0.09
N TRP J 44 1.63 -40.22 -0.74
CA TRP J 44 0.77 -41.34 -0.42
C TRP J 44 1.07 -42.49 -1.38
N TYR J 45 1.05 -43.71 -0.85
CA TYR J 45 1.38 -44.89 -1.63
C TYR J 45 0.27 -45.93 -1.51
N GLN J 46 -0.03 -46.60 -2.62
CA GLN J 46 -1.02 -47.66 -2.68
C GLN J 46 -0.31 -48.96 -3.00
N GLN J 47 -0.57 -49.99 -2.20
CA GLN J 47 0.05 -51.30 -2.38
C GLN J 47 -1.06 -52.34 -2.55
N LYS J 48 -1.32 -52.71 -3.80
CA LYS J 48 -2.29 -53.75 -4.07
C LYS J 48 -1.71 -55.11 -3.67
N PRO J 49 -2.56 -56.07 -3.30
CA PRO J 49 -2.05 -57.38 -2.87
C PRO J 49 -1.23 -58.04 -3.97
N GLY J 50 -0.04 -58.52 -3.60
CA GLY J 50 0.83 -59.19 -4.53
C GLY J 50 1.57 -58.27 -5.48
N GLN J 51 1.55 -56.96 -5.24
CA GLN J 51 2.17 -55.99 -6.12
C GLN J 51 3.08 -55.07 -5.32
N SER J 52 3.88 -54.31 -6.05
CA SER J 52 4.74 -53.31 -5.43
C SER J 52 3.93 -52.05 -5.11
N PRO J 53 4.43 -51.22 -4.19
CA PRO J 53 3.74 -49.96 -3.90
C PRO J 53 3.69 -49.06 -5.12
N LYS J 54 2.59 -48.31 -5.22
CA LYS J 54 2.35 -47.38 -6.32
C LYS J 54 2.20 -45.98 -5.76
N LEU J 55 2.87 -45.02 -6.39
CA LEU J 55 2.79 -43.62 -5.97
C LEU J 55 1.48 -43.02 -6.45
N LEU J 56 0.58 -42.71 -5.51
CA LEU J 56 -0.70 -42.08 -5.85
C LEU J 56 -0.60 -40.57 -5.83
N ILE J 57 -0.35 -39.99 -4.67
CA ILE J 57 -0.32 -38.55 -4.49
C ILE J 57 0.97 -38.16 -3.78
N TYR J 58 1.69 -37.19 -4.34
CA TYR J 58 2.89 -36.63 -3.73
C TYR J 58 2.69 -35.13 -3.53
N TRP J 59 3.56 -34.54 -2.71
CA TRP J 59 3.44 -33.14 -2.32
C TRP J 59 2.06 -32.84 -1.76
N ALA J 60 1.63 -33.69 -0.83
CA ALA J 60 0.37 -33.54 -0.09
C ALA J 60 -0.87 -33.62 -0.98
N SER J 61 -0.87 -32.90 -2.10
CA SER J 61 -2.06 -32.79 -2.93
C SER J 61 -1.85 -33.13 -4.40
N THR J 62 -0.63 -33.04 -4.92
CA THR J 62 -0.40 -33.27 -6.34
C THR J 62 -0.54 -34.75 -6.67
N ARG J 63 -1.42 -35.08 -7.61
CA ARG J 63 -1.63 -36.45 -8.01
C ARG J 63 -0.58 -36.89 -9.03
N GLU J 64 -0.21 -38.16 -8.95
CA GLU J 64 0.72 -38.72 -9.91
C GLU J 64 0.03 -38.93 -11.26
N SER J 65 0.82 -38.85 -12.33
CA SER J 65 0.29 -39.02 -13.68
C SER J 65 -0.35 -40.40 -13.82
N GLY J 66 -1.64 -40.41 -14.14
CA GLY J 66 -2.38 -41.64 -14.28
C GLY J 66 -3.18 -42.06 -13.06
N VAL J 67 -3.44 -41.16 -12.13
CA VAL J 67 -4.21 -41.46 -10.92
C VAL J 67 -5.61 -40.91 -11.09
N PRO J 68 -6.66 -41.70 -10.81
CA PRO J 68 -8.02 -41.19 -10.95
C PRO J 68 -8.30 -40.01 -10.04
N ASP J 69 -9.28 -39.20 -10.43
CA ASP J 69 -9.65 -38.02 -9.66
C ASP J 69 -10.36 -38.35 -8.36
N ARG J 70 -10.71 -39.62 -8.12
CA ARG J 70 -11.35 -39.99 -6.87
C ARG J 70 -10.42 -39.79 -5.69
N PHE J 71 -9.12 -39.97 -5.89
CA PHE J 71 -8.13 -39.79 -4.83
C PHE J 71 -7.77 -38.31 -4.70
N THR J 72 -8.02 -37.74 -3.53
CA THR J 72 -7.70 -36.34 -3.25
C THR J 72 -6.87 -36.26 -1.98
N GLY J 73 -5.75 -35.57 -2.05
CA GLY J 73 -4.88 -35.41 -0.89
C GLY J 73 -4.95 -34.02 -0.31
N SER J 74 -5.27 -33.92 0.97
CA SER J 74 -5.37 -32.64 1.67
C SER J 74 -4.47 -32.65 2.90
N GLY J 75 -4.24 -31.47 3.44
CA GLY J 75 -3.43 -31.33 4.64
C GLY J 75 -2.16 -30.54 4.37
N SER J 76 -1.62 -29.95 5.44
CA SER J 76 -0.40 -29.17 5.35
C SER J 76 0.23 -29.11 6.74
N GLY J 77 1.56 -29.21 6.79
CA GLY J 77 2.27 -29.16 8.05
C GLY J 77 2.47 -30.52 8.69
N THR J 78 1.61 -30.87 9.64
CA THR J 78 1.74 -32.13 10.36
C THR J 78 0.52 -33.04 10.25
N ASP J 79 -0.65 -32.50 9.92
CA ASP J 79 -1.88 -33.29 9.79
C ASP J 79 -2.25 -33.37 8.32
N PHE J 80 -2.29 -34.59 7.78
CA PHE J 80 -2.64 -34.83 6.40
C PHE J 80 -3.70 -35.92 6.33
N THR J 81 -4.54 -35.85 5.29
CA THR J 81 -5.62 -36.81 5.11
C THR J 81 -5.72 -37.21 3.64
N LEU J 82 -6.05 -38.48 3.40
CA LEU J 82 -6.32 -38.98 2.06
C LEU J 82 -7.77 -39.41 1.97
N THR J 83 -8.45 -38.94 0.92
CA THR J 83 -9.89 -39.15 0.77
C THR J 83 -10.17 -39.82 -0.57
N ILE J 84 -10.96 -40.89 -0.54
CA ILE J 84 -11.45 -41.56 -1.74
C ILE J 84 -12.93 -41.25 -1.87
N SER J 85 -13.30 -40.58 -2.97
CA SER J 85 -14.69 -40.16 -3.17
C SER J 85 -15.62 -41.36 -3.26
N SER J 86 -15.48 -42.15 -4.32
CA SER J 86 -16.29 -43.34 -4.52
C SER J 86 -15.36 -44.55 -4.58
N VAL J 87 -15.38 -45.37 -3.53
CA VAL J 87 -14.50 -46.54 -3.46
C VAL J 87 -14.91 -47.53 -4.53
N LYS J 88 -14.00 -47.84 -5.44
CA LYS J 88 -14.21 -48.84 -6.47
C LYS J 88 -13.70 -50.21 -6.02
N ALA J 89 -13.97 -51.22 -6.84
CA ALA J 89 -13.49 -52.56 -6.53
C ALA J 89 -11.98 -52.67 -6.60
N GLU J 90 -11.34 -51.85 -7.44
CA GLU J 90 -9.89 -51.89 -7.59
C GLU J 90 -9.15 -51.21 -6.46
N ASP J 91 -9.86 -50.58 -5.52
CA ASP J 91 -9.23 -49.87 -4.42
C ASP J 91 -8.86 -50.76 -3.25
N LEU J 92 -9.10 -52.07 -3.36
CA LEU J 92 -8.70 -53.02 -2.31
C LEU J 92 -7.18 -53.05 -2.24
N ALA J 93 -6.61 -52.34 -1.28
CA ALA J 93 -5.16 -52.25 -1.14
C ALA J 93 -4.84 -51.67 0.23
N VAL J 94 -3.55 -51.65 0.54
CA VAL J 94 -3.03 -51.03 1.76
C VAL J 94 -2.38 -49.70 1.37
N TYR J 95 -2.75 -48.64 2.08
CA TYR J 95 -2.30 -47.28 1.76
C TYR J 95 -1.33 -46.80 2.82
N TYR J 96 -0.14 -46.39 2.38
CA TYR J 96 0.89 -45.84 3.26
C TYR J 96 1.14 -44.37 2.93
N CYS J 97 1.50 -43.60 3.94
CA CYS J 97 1.97 -42.24 3.75
C CYS J 97 3.45 -42.17 4.11
N GLN J 98 4.22 -41.48 3.27
CA GLN J 98 5.66 -41.41 3.40
C GLN J 98 6.13 -39.98 3.25
N GLN J 99 6.93 -39.51 4.22
CA GLN J 99 7.55 -38.20 4.14
C GLN J 99 8.92 -38.32 3.52
N TYR J 100 9.30 -37.33 2.70
CA TYR J 100 10.58 -37.34 2.04
C TYR J 100 11.27 -35.98 2.14
N PHE J 101 11.05 -35.29 3.26
CA PHE J 101 11.75 -34.04 3.55
C PHE J 101 13.20 -34.34 3.89
N ARG J 102 13.43 -34.94 5.07
CA ARG J 102 14.74 -35.39 5.51
C ARG J 102 14.67 -36.90 5.73
N TYR J 103 15.52 -37.64 5.01
CA TYR J 103 15.45 -39.10 4.97
C TYR J 103 14.07 -39.55 4.49
N ARG J 104 13.71 -40.80 4.78
CA ARG J 104 12.43 -41.33 4.34
C ARG J 104 11.79 -42.08 5.50
N THR J 105 10.49 -41.87 5.71
CA THR J 105 9.77 -42.54 6.79
C THR J 105 8.37 -42.90 6.30
N PHE J 106 8.01 -44.17 6.40
CA PHE J 106 6.68 -44.66 6.05
C PHE J 106 5.80 -44.75 7.29
N GLY J 107 4.50 -44.60 7.10
CA GLY J 107 3.56 -44.73 8.18
C GLY J 107 3.17 -46.18 8.44
N GLY J 108 2.32 -46.36 9.45
CA GLY J 108 1.85 -47.69 9.77
C GLY J 108 0.97 -48.30 8.69
N GLY J 109 0.26 -47.46 7.94
CA GLY J 109 -0.58 -47.95 6.87
C GLY J 109 -1.99 -48.29 7.30
N THR J 110 -2.97 -47.99 6.45
CA THR J 110 -4.37 -48.30 6.70
C THR J 110 -4.82 -49.39 5.74
N LYS J 111 -5.33 -50.49 6.26
CA LYS J 111 -5.80 -51.60 5.45
C LYS J 111 -7.25 -51.33 5.05
N LEU J 112 -7.49 -51.15 3.75
CA LEU J 112 -8.81 -50.84 3.22
C LEU J 112 -9.41 -52.12 2.65
N GLU J 113 -10.43 -52.66 3.34
CA GLU J 113 -11.13 -53.85 2.92
C GLU J 113 -12.52 -53.49 2.39
N ILE J 114 -12.99 -54.27 1.42
CA ILE J 114 -14.28 -54.01 0.79
C ILE J 114 -15.32 -55.01 1.28
N LYS K 6 33.67 22.63 -20.45
CA LYS K 6 32.90 22.26 -21.64
C LYS K 6 31.78 21.30 -21.26
N HIS K 7 30.65 21.40 -21.96
CA HIS K 7 29.50 20.55 -21.71
C HIS K 7 29.51 19.36 -22.66
N ARG K 8 29.42 18.16 -22.11
CA ARG K 8 29.35 16.93 -22.89
C ARG K 8 28.20 16.09 -22.36
N CYS K 9 27.21 15.82 -23.20
CA CYS K 9 26.03 15.07 -22.80
C CYS K 9 25.66 14.07 -23.89
N GLY K 10 25.15 12.93 -23.47
CA GLY K 10 24.67 11.94 -24.43
C GLY K 10 25.81 11.33 -25.22
N SER K 11 25.68 11.35 -26.54
CA SER K 11 26.69 10.78 -27.44
C SER K 11 27.98 11.58 -27.38
N ILE K 13 29.49 12.47 -24.79
CA ILE K 13 30.29 11.87 -23.73
C ILE K 13 31.09 10.70 -24.29
N THR K 14 30.42 9.85 -25.08
CA THR K 14 31.10 8.72 -25.70
C THR K 14 32.20 9.20 -26.64
N ASN K 15 31.94 10.26 -27.41
CA ASN K 15 32.98 10.83 -28.26
C ASN K 15 34.11 11.40 -27.41
N SER K 16 33.79 11.97 -26.25
CA SER K 16 34.82 12.50 -25.37
C SER K 16 35.66 11.37 -24.77
N TYR K 17 35.03 10.26 -24.41
CA TYR K 17 35.78 9.10 -23.95
C TYR K 17 36.65 8.54 -25.05
N MET K 18 36.15 8.54 -26.29
CA MET K 18 36.92 7.99 -27.40
C MET K 18 38.12 8.87 -27.73
N ASP K 19 37.96 10.19 -27.66
CA ASP K 19 39.04 11.11 -28.02
C ASP K 19 40.09 11.21 -26.91
N LEU K 20 39.68 11.65 -25.72
CA LEU K 20 40.64 11.91 -24.66
C LEU K 20 41.24 10.61 -24.12
N CYS K 21 40.41 9.59 -23.93
CA CYS K 21 40.89 8.31 -23.39
C CYS K 21 41.13 7.31 -24.51
N GLY L 1 28.28 10.95 -10.16
CA GLY L 1 28.20 10.30 -11.46
C GLY L 1 28.98 11.04 -12.53
N VAL L 2 28.91 10.53 -13.77
CA VAL L 2 29.63 11.15 -14.87
C VAL L 2 28.84 12.32 -15.43
N VAL L 3 27.55 12.12 -15.67
CA VAL L 3 26.70 13.17 -16.24
C VAL L 3 26.41 14.24 -15.18
N HIS L 5 28.68 15.47 -13.31
CA HIS L 5 29.87 16.31 -13.23
C HIS L 5 30.30 16.88 -14.58
N CYS L 6 29.97 16.16 -15.66
CA CYS L 6 30.43 16.55 -16.99
C CYS L 6 29.30 16.85 -17.98
N CYS L 7 28.05 16.55 -17.64
CA CYS L 7 26.92 16.94 -18.47
C CYS L 7 26.15 18.12 -17.89
N HIS L 8 25.72 18.02 -16.63
CA HIS L 8 25.01 19.13 -16.00
C HIS L 8 25.93 20.33 -15.80
N ARG L 9 27.18 20.08 -15.45
CA ARG L 9 28.15 21.12 -15.18
C ARG L 9 29.30 21.06 -16.19
N PRO L 10 29.98 22.18 -16.44
CA PRO L 10 31.14 22.15 -17.33
C PRO L 10 32.21 21.20 -16.81
N CYS L 11 33.11 20.83 -17.73
CA CYS L 11 33.99 19.69 -17.47
C CYS L 11 35.16 19.75 -18.44
N SER L 12 36.37 19.99 -17.90
CA SER L 12 37.57 20.12 -18.70
C SER L 12 38.07 18.74 -19.15
N ASN L 13 39.06 18.75 -20.03
CA ASN L 13 39.62 17.50 -20.54
C ASN L 13 40.29 16.70 -19.43
N ALA L 14 41.13 17.37 -18.63
CA ALA L 14 41.80 16.68 -17.53
C ALA L 14 40.82 16.22 -16.47
N GLU L 15 39.71 16.96 -16.30
CA GLU L 15 38.69 16.54 -15.34
C GLU L 15 37.93 15.32 -15.84
N PHE L 16 37.80 15.16 -17.16
CA PHE L 16 37.07 14.02 -17.70
C PHE L 16 37.89 12.74 -17.68
N LYS L 17 39.22 12.86 -17.81
CA LYS L 17 40.08 11.67 -17.86
C LYS L 17 40.08 10.89 -16.56
N LYS L 18 39.52 11.44 -15.48
CA LYS L 18 39.46 10.71 -14.22
C LYS L 18 38.54 9.50 -14.30
N TYR L 19 37.58 9.51 -15.21
CA TYR L 19 36.58 8.45 -15.30
C TYR L 19 37.11 7.19 -15.99
#